data_2MPQ
#
_entry.id   2MPQ
#
_entity_poly.entity_id   1
_entity_poly.type   'polypeptide(L)'
_entity_poly.pdbx_seq_one_letter_code
;GACLGFGKSCNPSNDQCCKSSSLACSTKHKWCKYEL
;
_entity_poly.pdbx_strand_id   A
#
# COMPACT_ATOMS: atom_id res chain seq x y z
N GLY A 1 -7.14 4.64 12.96
CA GLY A 1 -6.90 3.48 12.11
C GLY A 1 -7.55 3.63 10.75
N ALA A 2 -6.89 4.35 9.86
CA ALA A 2 -7.40 4.57 8.51
C ALA A 2 -6.30 4.36 7.47
N CYS A 3 -6.31 3.20 6.84
CA CYS A 3 -5.32 2.88 5.82
C CYS A 3 -5.78 1.70 4.96
N LEU A 4 -4.91 1.25 4.06
CA LEU A 4 -5.22 0.13 3.19
C LEU A 4 -4.34 -1.08 3.50
N GLY A 5 -4.97 -2.16 3.95
CA GLY A 5 -4.23 -3.37 4.26
C GLY A 5 -3.62 -4.02 3.05
N PHE A 6 -2.95 -5.15 3.25
CA PHE A 6 -2.31 -5.88 2.16
C PHE A 6 -3.36 -6.44 1.20
N GLY A 7 -3.12 -6.27 -0.10
CA GLY A 7 -4.05 -6.76 -1.09
C GLY A 7 -5.15 -5.77 -1.42
N LYS A 8 -4.93 -4.51 -1.05
CA LYS A 8 -5.91 -3.46 -1.31
C LYS A 8 -5.50 -2.62 -2.50
N SER A 9 -6.48 -2.07 -3.21
CA SER A 9 -6.23 -1.25 -4.38
C SER A 9 -5.87 0.18 -3.96
N CYS A 10 -4.60 0.52 -4.11
CA CYS A 10 -4.12 1.85 -3.75
C CYS A 10 -3.60 2.60 -4.99
N ASN A 11 -3.21 3.85 -4.80
CA ASN A 11 -2.70 4.67 -5.89
C ASN A 11 -1.19 4.88 -5.77
N PRO A 12 -0.49 4.78 -6.89
CA PRO A 12 0.97 4.95 -6.94
C PRO A 12 1.39 6.39 -6.69
N SER A 13 0.65 7.33 -7.27
CA SER A 13 0.95 8.75 -7.12
C SER A 13 0.67 9.21 -5.69
N ASN A 14 -0.19 8.48 -5.00
CA ASN A 14 -0.54 8.81 -3.62
C ASN A 14 -0.63 7.55 -2.76
N ASP A 15 0.50 6.87 -2.60
CA ASP A 15 0.56 5.66 -1.80
C ASP A 15 -0.09 5.88 -0.43
N GLN A 16 -1.17 5.16 -0.18
CA GLN A 16 -1.88 5.27 1.09
C GLN A 16 -2.24 3.90 1.64
N CYS A 17 -1.26 3.22 2.21
CA CYS A 17 -1.47 1.89 2.77
C CYS A 17 -1.23 1.88 4.27
N CYS A 18 -1.28 0.70 4.88
CA CYS A 18 -1.06 0.56 6.31
C CYS A 18 0.43 0.44 6.63
N LYS A 19 1.01 1.51 7.15
CA LYS A 19 2.42 1.52 7.49
C LYS A 19 2.71 0.56 8.65
N SER A 20 1.75 0.44 9.56
CA SER A 20 1.90 -0.45 10.71
C SER A 20 2.22 -1.87 10.26
N SER A 21 1.62 -2.28 9.15
CA SER A 21 1.85 -3.62 8.62
C SER A 21 2.94 -3.61 7.56
N SER A 22 3.75 -2.56 7.56
CA SER A 22 4.84 -2.44 6.60
C SER A 22 4.33 -2.60 5.17
N LEU A 23 3.36 -1.76 4.79
CA LEU A 23 2.78 -1.82 3.46
C LEU A 23 3.18 -0.60 2.65
N ALA A 24 3.02 -0.70 1.33
CA ALA A 24 3.36 0.40 0.44
C ALA A 24 2.75 0.20 -0.95
N CYS A 25 2.46 1.30 -1.64
CA CYS A 25 1.88 1.24 -2.96
C CYS A 25 2.95 1.36 -4.05
N SER A 26 3.13 0.28 -4.80
CA SER A 26 4.12 0.26 -5.87
C SER A 26 3.50 0.60 -7.22
N THR A 27 4.22 1.37 -8.02
CA THR A 27 3.74 1.77 -9.33
C THR A 27 3.86 0.63 -10.34
N LYS A 28 4.39 -0.50 -9.89
CA LYS A 28 4.57 -1.66 -10.76
C LYS A 28 3.36 -2.59 -10.67
N HIS A 29 2.94 -2.91 -9.45
CA HIS A 29 1.80 -3.78 -9.25
C HIS A 29 0.56 -2.98 -8.87
N LYS A 30 0.78 -1.77 -8.37
CA LYS A 30 -0.31 -0.89 -7.97
C LYS A 30 -1.16 -1.54 -6.87
N TRP A 31 -0.54 -1.78 -5.73
CA TRP A 31 -1.24 -2.41 -4.60
C TRP A 31 -0.35 -2.43 -3.35
N CYS A 32 -0.98 -2.49 -2.19
CA CYS A 32 -0.25 -2.51 -0.93
C CYS A 32 0.60 -3.77 -0.82
N LYS A 33 1.87 -3.67 -1.21
CA LYS A 33 2.78 -4.80 -1.15
C LYS A 33 3.69 -4.71 0.07
N TYR A 34 3.92 -5.85 0.71
CA TYR A 34 4.76 -5.89 1.90
C TYR A 34 6.17 -5.39 1.59
N GLU A 35 6.61 -4.39 2.35
CA GLU A 35 7.94 -3.81 2.15
C GLU A 35 9.01 -4.71 2.75
N LEU A 36 9.74 -5.39 1.88
CA LEU A 36 10.81 -6.30 2.32
C LEU A 36 12.10 -5.53 2.57
N GLY A 1 -7.27 4.30 13.41
CA GLY A 1 -6.51 4.69 12.24
C GLY A 1 -7.27 4.42 10.95
N ALA A 2 -6.71 4.87 9.83
CA ALA A 2 -7.34 4.67 8.54
C ALA A 2 -6.28 4.46 7.44
N CYS A 3 -6.16 3.22 6.98
CA CYS A 3 -5.19 2.88 5.94
C CYS A 3 -5.69 1.71 5.10
N LEU A 4 -4.84 1.26 4.18
CA LEU A 4 -5.20 0.14 3.31
C LEU A 4 -4.32 -1.07 3.59
N GLY A 5 -4.95 -2.17 4.02
CA GLY A 5 -4.22 -3.38 4.32
C GLY A 5 -3.62 -4.03 3.08
N PHE A 6 -2.96 -5.16 3.26
CA PHE A 6 -2.34 -5.87 2.15
C PHE A 6 -3.40 -6.42 1.20
N GLY A 7 -3.20 -6.21 -0.10
CA GLY A 7 -4.14 -6.69 -1.09
C GLY A 7 -5.23 -5.69 -1.37
N LYS A 8 -5.01 -4.43 -0.99
CA LYS A 8 -5.99 -3.38 -1.21
C LYS A 8 -5.60 -2.52 -2.42
N SER A 9 -6.61 -1.98 -3.09
CA SER A 9 -6.38 -1.14 -4.27
C SER A 9 -5.99 0.27 -3.85
N CYS A 10 -4.72 0.60 -4.03
CA CYS A 10 -4.21 1.92 -3.67
C CYS A 10 -3.72 2.66 -4.92
N ASN A 11 -3.30 3.92 -4.72
CA ASN A 11 -2.82 4.73 -5.83
C ASN A 11 -1.30 4.93 -5.73
N PRO A 12 -0.62 4.82 -6.88
CA PRO A 12 0.84 4.99 -6.94
C PRO A 12 1.27 6.43 -6.71
N SER A 13 0.52 7.37 -7.28
CA SER A 13 0.83 8.79 -7.13
C SER A 13 0.61 9.24 -5.69
N ASN A 14 -0.24 8.52 -4.97
CA ASN A 14 -0.54 8.84 -3.58
C ASN A 14 -0.63 7.59 -2.73
N ASP A 15 0.50 6.90 -2.58
CA ASP A 15 0.56 5.68 -1.79
C ASP A 15 -0.07 5.89 -0.42
N GLN A 16 -1.15 5.18 -0.14
CA GLN A 16 -1.84 5.28 1.14
C GLN A 16 -2.21 3.91 1.68
N CYS A 17 -1.21 3.21 2.23
CA CYS A 17 -1.43 1.88 2.78
C CYS A 17 -1.16 1.87 4.28
N CYS A 18 -1.20 0.68 4.88
CA CYS A 18 -0.97 0.52 6.31
C CYS A 18 0.53 0.39 6.59
N LYS A 19 1.13 1.45 7.10
CA LYS A 19 2.56 1.46 7.42
C LYS A 19 2.85 0.51 8.57
N SER A 20 1.90 0.37 9.49
CA SER A 20 2.06 -0.51 10.63
C SER A 20 2.36 -1.94 10.19
N SER A 21 1.75 -2.34 9.08
CA SER A 21 1.95 -3.68 8.54
C SER A 21 3.01 -3.69 7.45
N SER A 22 3.85 -2.66 7.45
CA SER A 22 4.92 -2.55 6.46
C SER A 22 4.36 -2.69 5.04
N LEU A 23 3.42 -1.83 4.69
CA LEU A 23 2.80 -1.87 3.36
C LEU A 23 3.19 -0.64 2.55
N ALA A 24 3.00 -0.73 1.23
CA ALA A 24 3.33 0.38 0.34
C ALA A 24 2.70 0.19 -1.02
N CYS A 25 2.40 1.30 -1.70
CA CYS A 25 1.79 1.25 -3.02
C CYS A 25 2.85 1.35 -4.12
N SER A 26 2.98 0.30 -4.90
CA SER A 26 3.95 0.26 -5.99
C SER A 26 3.30 0.59 -7.32
N THR A 27 4.00 1.34 -8.16
CA THR A 27 3.48 1.73 -9.47
C THR A 27 3.60 0.57 -10.46
N LYS A 28 4.13 -0.55 -10.00
CA LYS A 28 4.29 -1.73 -10.84
C LYS A 28 3.06 -2.63 -10.77
N HIS A 29 2.63 -2.93 -9.55
CA HIS A 29 1.46 -3.79 -9.35
C HIS A 29 0.25 -2.96 -8.93
N LYS A 30 0.51 -1.75 -8.44
CA LYS A 30 -0.56 -0.86 -8.00
C LYS A 30 -1.38 -1.49 -6.88
N TRP A 31 -0.73 -1.76 -5.75
CA TRP A 31 -1.39 -2.37 -4.61
C TRP A 31 -0.48 -2.38 -3.39
N CYS A 32 -1.07 -2.46 -2.21
CA CYS A 32 -0.31 -2.49 -0.97
C CYS A 32 0.54 -3.75 -0.88
N LYS A 33 1.78 -3.66 -1.32
CA LYS A 33 2.70 -4.80 -1.29
C LYS A 33 3.63 -4.70 -0.09
N TYR A 34 3.93 -5.85 0.50
CA TYR A 34 4.83 -5.91 1.66
C TYR A 34 6.19 -5.32 1.32
N GLU A 35 6.61 -4.33 2.09
CA GLU A 35 7.91 -3.69 1.88
C GLU A 35 9.02 -4.47 2.57
N LEU A 36 9.82 -5.17 1.78
CA LEU A 36 10.93 -5.96 2.32
C LEU A 36 12.22 -5.15 2.32
N GLY A 1 -6.76 3.84 13.12
CA GLY A 1 -6.66 4.88 12.12
C GLY A 1 -7.41 4.56 10.85
N ALA A 2 -6.84 4.92 9.71
CA ALA A 2 -7.46 4.65 8.42
C ALA A 2 -6.41 4.45 7.33
N CYS A 3 -6.24 3.20 6.91
CA CYS A 3 -5.26 2.87 5.88
C CYS A 3 -5.74 1.69 5.04
N LEU A 4 -4.89 1.23 4.12
CA LEU A 4 -5.22 0.12 3.25
C LEU A 4 -4.34 -1.09 3.55
N GLY A 5 -4.96 -2.17 4.01
CA GLY A 5 -4.22 -3.38 4.32
C GLY A 5 -3.62 -4.03 3.09
N PHE A 6 -2.95 -5.16 3.29
CA PHE A 6 -2.34 -5.89 2.18
C PHE A 6 -3.39 -6.46 1.24
N GLY A 7 -3.18 -6.27 -0.06
CA GLY A 7 -4.12 -6.76 -1.05
C GLY A 7 -5.23 -5.76 -1.35
N LYS A 8 -5.00 -4.51 -0.97
CA LYS A 8 -5.99 -3.46 -1.20
C LYS A 8 -5.61 -2.61 -2.41
N SER A 9 -6.62 -2.08 -3.09
CA SER A 9 -6.38 -1.25 -4.27
C SER A 9 -6.01 0.17 -3.87
N CYS A 10 -4.74 0.51 -4.05
CA CYS A 10 -4.25 1.84 -3.71
C CYS A 10 -3.77 2.58 -4.95
N ASN A 11 -3.37 3.83 -4.77
CA ASN A 11 -2.88 4.66 -5.88
C ASN A 11 -1.38 4.88 -5.77
N PRO A 12 -0.68 4.78 -6.91
CA PRO A 12 0.77 4.97 -6.97
C PRO A 12 1.17 6.43 -6.75
N SER A 13 0.42 7.34 -7.34
CA SER A 13 0.69 8.76 -7.21
C SER A 13 0.53 9.22 -5.77
N ASN A 14 -0.27 8.48 -5.00
CA ASN A 14 -0.51 8.81 -3.60
C ASN A 14 -0.62 7.54 -2.75
N ASP A 15 0.49 6.84 -2.61
CA ASP A 15 0.54 5.61 -1.83
C ASP A 15 -0.09 5.82 -0.45
N GLN A 16 -1.19 5.15 -0.19
CA GLN A 16 -1.88 5.26 1.09
C GLN A 16 -2.25 3.88 1.64
N CYS A 17 -1.26 3.20 2.19
CA CYS A 17 -1.47 1.87 2.76
C CYS A 17 -1.21 1.86 4.26
N CYS A 18 -1.26 0.67 4.85
CA CYS A 18 -1.02 0.54 6.29
C CYS A 18 0.47 0.40 6.58
N LYS A 19 1.08 1.47 7.08
CA LYS A 19 2.50 1.47 7.40
C LYS A 19 2.79 0.53 8.56
N SER A 20 1.84 0.43 9.48
CA SER A 20 2.00 -0.43 10.65
C SER A 20 2.30 -1.87 10.23
N SER A 21 1.70 -2.30 9.12
CA SER A 21 1.90 -3.64 8.61
C SER A 21 2.96 -3.66 7.52
N SER A 22 3.80 -2.63 7.50
CA SER A 22 4.86 -2.52 6.50
C SER A 22 4.30 -2.68 5.09
N LEU A 23 3.40 -1.79 4.70
CA LEU A 23 2.79 -1.84 3.38
C LEU A 23 3.17 -0.62 2.56
N ALA A 24 2.98 -0.71 1.24
CA ALA A 24 3.31 0.38 0.34
C ALA A 24 2.66 0.18 -1.03
N CYS A 25 2.36 1.28 -1.71
CA CYS A 25 1.75 1.23 -3.02
C CYS A 25 2.80 1.32 -4.13
N SER A 26 2.97 0.24 -4.88
CA SER A 26 3.94 0.20 -5.96
C SER A 26 3.28 0.53 -7.29
N THR A 27 4.00 1.29 -8.13
CA THR A 27 3.48 1.68 -9.43
C THR A 27 3.60 0.54 -10.43
N LYS A 28 4.12 -0.60 -9.97
CA LYS A 28 4.29 -1.77 -10.83
C LYS A 28 3.06 -2.67 -10.76
N HIS A 29 2.64 -2.98 -9.53
CA HIS A 29 1.47 -3.84 -9.33
C HIS A 29 0.26 -3.01 -8.92
N LYS A 30 0.51 -1.81 -8.41
CA LYS A 30 -0.56 -0.92 -7.99
C LYS A 30 -1.39 -1.56 -6.87
N TRP A 31 -0.73 -1.82 -5.74
CA TRP A 31 -1.40 -2.43 -4.59
C TRP A 31 -0.48 -2.45 -3.38
N CYS A 32 -1.08 -2.51 -2.19
CA CYS A 32 -0.32 -2.54 -0.95
C CYS A 32 0.54 -3.80 -0.85
N LYS A 33 1.78 -3.70 -1.30
CA LYS A 33 2.71 -4.83 -1.26
C LYS A 33 3.65 -4.72 -0.07
N TYR A 34 4.00 -5.87 0.50
CA TYR A 34 4.89 -5.92 1.66
C TYR A 34 6.24 -5.28 1.32
N GLU A 35 6.63 -4.27 2.10
CA GLU A 35 7.88 -3.57 1.89
C GLU A 35 9.05 -4.39 2.45
N LEU A 36 9.82 -5.01 1.55
CA LEU A 36 10.96 -5.81 1.95
C LEU A 36 12.25 -5.00 1.89
N GLY A 1 -5.63 3.44 12.40
CA GLY A 1 -6.66 4.45 12.26
C GLY A 1 -7.36 4.38 10.92
N ALA A 2 -6.67 4.80 9.86
CA ALA A 2 -7.24 4.79 8.52
C ALA A 2 -6.16 4.55 7.47
N CYS A 3 -6.16 3.35 6.89
CA CYS A 3 -5.18 2.99 5.87
C CYS A 3 -5.68 1.83 5.03
N LEU A 4 -4.83 1.35 4.13
CA LEU A 4 -5.18 0.23 3.26
C LEU A 4 -4.30 -0.98 3.53
N GLY A 5 -4.94 -2.06 4.00
CA GLY A 5 -4.20 -3.28 4.30
C GLY A 5 -3.62 -3.92 3.06
N PHE A 6 -2.98 -5.07 3.24
CA PHE A 6 -2.36 -5.80 2.13
C PHE A 6 -3.44 -6.34 1.19
N GLY A 7 -3.23 -6.15 -0.10
CA GLY A 7 -4.18 -6.63 -1.09
C GLY A 7 -5.28 -5.62 -1.38
N LYS A 8 -5.04 -4.36 -1.00
CA LYS A 8 -6.00 -3.30 -1.22
C LYS A 8 -5.63 -2.46 -2.44
N SER A 9 -6.63 -1.86 -3.08
CA SER A 9 -6.40 -1.03 -4.25
C SER A 9 -5.99 0.39 -3.84
N CYS A 10 -4.71 0.71 -4.01
CA CYS A 10 -4.20 2.02 -3.66
C CYS A 10 -3.70 2.76 -4.91
N ASN A 11 -3.28 4.01 -4.72
CA ASN A 11 -2.78 4.82 -5.82
C ASN A 11 -1.26 5.00 -5.73
N PRO A 12 -0.58 4.89 -6.88
CA PRO A 12 0.87 5.03 -6.95
C PRO A 12 1.32 6.47 -6.71
N SER A 13 0.58 7.43 -7.28
CA SER A 13 0.91 8.83 -7.12
C SER A 13 0.66 9.31 -5.69
N ASN A 14 -0.18 8.56 -4.97
CA ASN A 14 -0.50 8.89 -3.59
C ASN A 14 -0.55 7.64 -2.73
N ASP A 15 0.60 7.00 -2.54
CA ASP A 15 0.68 5.78 -1.73
C ASP A 15 0.01 5.99 -0.38
N GLN A 16 -1.07 5.25 -0.14
CA GLN A 16 -1.80 5.35 1.11
C GLN A 16 -2.17 3.97 1.64
N CYS A 17 -1.19 3.29 2.22
CA CYS A 17 -1.41 1.95 2.76
C CYS A 17 -1.17 1.93 4.27
N CYS A 18 -1.23 0.74 4.86
CA CYS A 18 -1.02 0.58 6.29
C CYS A 18 0.47 0.42 6.60
N LYS A 19 1.09 1.49 7.09
CA LYS A 19 2.51 1.47 7.43
C LYS A 19 2.77 0.51 8.59
N SER A 20 1.81 0.42 9.50
CA SER A 20 1.95 -0.46 10.66
C SER A 20 2.24 -1.89 10.23
N SER A 21 1.66 -2.30 9.11
CA SER A 21 1.86 -3.65 8.60
C SER A 21 2.94 -3.65 7.51
N SER A 22 3.76 -2.61 7.50
CA SER A 22 4.82 -2.49 6.51
C SER A 22 4.28 -2.66 5.10
N LEU A 23 3.42 -1.75 4.69
CA LEU A 23 2.81 -1.80 3.37
C LEU A 23 3.20 -0.57 2.55
N ALA A 24 3.02 -0.66 1.23
CA ALA A 24 3.35 0.45 0.34
C ALA A 24 2.71 0.25 -1.03
N CYS A 25 2.42 1.36 -1.71
CA CYS A 25 1.80 1.32 -3.02
C CYS A 25 2.86 1.42 -4.12
N SER A 26 2.97 0.36 -4.92
CA SER A 26 3.95 0.33 -6.01
C SER A 26 3.27 0.62 -7.34
N THR A 27 3.97 1.37 -8.20
CA THR A 27 3.45 1.72 -9.51
C THR A 27 3.56 0.56 -10.48
N LYS A 28 4.11 -0.56 -10.00
CA LYS A 28 4.29 -1.75 -10.83
C LYS A 28 3.04 -2.63 -10.77
N HIS A 29 2.57 -2.92 -9.57
CA HIS A 29 1.39 -3.74 -9.38
C HIS A 29 0.19 -2.91 -8.96
N LYS A 30 0.47 -1.70 -8.46
CA LYS A 30 -0.59 -0.79 -8.02
C LYS A 30 -1.41 -1.42 -6.90
N TRP A 31 -0.76 -1.69 -5.77
CA TRP A 31 -1.43 -2.29 -4.62
C TRP A 31 -0.50 -2.35 -3.42
N CYS A 32 -1.08 -2.39 -2.23
CA CYS A 32 -0.32 -2.45 -0.99
C CYS A 32 0.51 -3.72 -0.93
N LYS A 33 1.77 -3.63 -1.34
CA LYS A 33 2.67 -4.78 -1.32
C LYS A 33 3.61 -4.71 -0.13
N TYR A 34 3.94 -5.87 0.44
CA TYR A 34 4.83 -5.94 1.58
C TYR A 34 6.19 -5.34 1.24
N GLU A 35 6.61 -4.34 2.03
CA GLU A 35 7.89 -3.68 1.81
C GLU A 35 8.99 -4.35 2.62
N LEU A 36 9.87 -5.07 1.94
CA LEU A 36 10.97 -5.76 2.60
C LEU A 36 12.22 -4.90 2.61
N GLY A 1 -7.45 4.32 13.20
CA GLY A 1 -6.76 3.59 12.16
C GLY A 1 -7.45 3.70 10.81
N ALA A 2 -6.83 4.44 9.89
CA ALA A 2 -7.37 4.63 8.56
C ALA A 2 -6.32 4.44 7.49
N CYS A 3 -6.31 3.26 6.87
CA CYS A 3 -5.34 2.95 5.82
C CYS A 3 -5.82 1.77 4.98
N LEU A 4 -4.98 1.35 4.05
CA LEU A 4 -5.31 0.22 3.17
C LEU A 4 -4.43 -0.99 3.49
N GLY A 5 -5.07 -2.08 3.89
CA GLY A 5 -4.35 -3.30 4.22
C GLY A 5 -3.73 -3.93 2.99
N PHE A 6 -3.08 -5.08 3.19
CA PHE A 6 -2.44 -5.80 2.09
C PHE A 6 -3.49 -6.35 1.13
N GLY A 7 -3.24 -6.16 -0.17
CA GLY A 7 -4.17 -6.64 -1.18
C GLY A 7 -5.27 -5.65 -1.48
N LYS A 8 -5.05 -4.40 -1.09
CA LYS A 8 -6.03 -3.34 -1.32
C LYS A 8 -5.64 -2.49 -2.52
N SER A 9 -6.64 -1.97 -3.22
CA SER A 9 -6.40 -1.14 -4.40
C SER A 9 -6.01 0.29 -3.98
N CYS A 10 -4.73 0.62 -4.14
CA CYS A 10 -4.24 1.95 -3.79
C CYS A 10 -3.74 2.69 -5.02
N ASN A 11 -3.34 3.94 -4.83
CA ASN A 11 -2.83 4.76 -5.93
C ASN A 11 -1.32 4.96 -5.81
N PRO A 12 -0.62 4.85 -6.95
CA PRO A 12 0.83 5.03 -6.99
C PRO A 12 1.25 6.48 -6.75
N SER A 13 0.51 7.41 -7.34
CA SER A 13 0.81 8.83 -7.19
C SER A 13 0.57 9.29 -5.76
N ASN A 14 -0.28 8.56 -5.04
CA ASN A 14 -0.60 8.90 -3.67
C ASN A 14 -0.69 7.63 -2.81
N ASP A 15 0.43 6.94 -2.67
CA ASP A 15 0.47 5.71 -1.88
C ASP A 15 -0.15 5.93 -0.49
N GLN A 16 -1.25 5.23 -0.22
CA GLN A 16 -1.93 5.35 1.06
C GLN A 16 -2.30 3.97 1.60
N CYS A 17 -1.32 3.27 2.15
CA CYS A 17 -1.54 1.94 2.71
C CYS A 17 -1.26 1.94 4.21
N CYS A 18 -1.32 0.76 4.81
CA CYS A 18 -1.08 0.60 6.24
C CYS A 18 0.41 0.45 6.53
N LYS A 19 1.03 1.53 7.02
CA LYS A 19 2.46 1.51 7.33
C LYS A 19 2.75 0.56 8.49
N SER A 20 1.80 0.46 9.43
CA SER A 20 1.95 -0.42 10.58
C SER A 20 2.24 -1.85 10.14
N SER A 21 1.61 -2.26 9.06
CA SER A 21 1.80 -3.62 8.53
C SER A 21 2.88 -3.65 7.46
N SER A 22 3.71 -2.59 7.44
CA SER A 22 4.77 -2.49 6.46
C SER A 22 4.24 -2.64 5.04
N LEU A 23 3.30 -1.78 4.67
CA LEU A 23 2.69 -1.82 3.35
C LEU A 23 3.09 -0.59 2.53
N ALA A 24 2.92 -0.68 1.22
CA ALA A 24 3.26 0.43 0.33
C ALA A 24 2.63 0.23 -1.05
N CYS A 25 2.35 1.34 -1.72
CA CYS A 25 1.74 1.29 -3.05
C CYS A 25 2.81 1.40 -4.14
N SER A 26 2.96 0.33 -4.92
CA SER A 26 3.95 0.30 -5.99
C SER A 26 3.31 0.60 -7.33
N THR A 27 4.01 1.36 -8.17
CA THR A 27 3.51 1.72 -9.49
C THR A 27 3.64 0.56 -10.47
N LYS A 28 4.18 -0.56 -9.99
CA LYS A 28 4.36 -1.73 -10.83
C LYS A 28 3.13 -2.64 -10.77
N HIS A 29 2.67 -2.93 -9.56
CA HIS A 29 1.49 -3.78 -9.38
C HIS A 29 0.28 -2.94 -8.97
N LYS A 30 0.54 -1.74 -8.48
CA LYS A 30 -0.54 -0.84 -8.07
C LYS A 30 -1.37 -1.47 -6.95
N TRP A 31 -0.73 -1.73 -5.81
CA TRP A 31 -1.41 -2.33 -4.67
C TRP A 31 -0.51 -2.35 -3.45
N CYS A 32 -1.12 -2.41 -2.27
CA CYS A 32 -0.37 -2.43 -1.02
C CYS A 32 0.49 -3.68 -0.92
N LYS A 33 1.73 -3.58 -1.34
CA LYS A 33 2.66 -4.70 -1.30
C LYS A 33 3.58 -4.60 -0.09
N TYR A 34 3.88 -5.74 0.52
CA TYR A 34 4.76 -5.78 1.69
C TYR A 34 6.13 -5.20 1.37
N GLU A 35 6.53 -4.19 2.14
CA GLU A 35 7.83 -3.55 1.93
C GLU A 35 8.94 -4.36 2.58
N LEU A 36 9.74 -5.04 1.77
CA LEU A 36 10.84 -5.85 2.27
C LEU A 36 12.13 -5.02 2.37
N GLY A 1 -6.06 3.01 12.71
CA GLY A 1 -6.63 4.29 12.31
C GLY A 1 -7.37 4.21 10.99
N ALA A 2 -6.72 4.66 9.92
CA ALA A 2 -7.32 4.63 8.59
C ALA A 2 -6.26 4.43 7.52
N CYS A 3 -6.23 3.22 6.95
CA CYS A 3 -5.26 2.89 5.90
C CYS A 3 -5.75 1.71 5.06
N LEU A 4 -4.91 1.27 4.14
CA LEU A 4 -5.26 0.14 3.27
C LEU A 4 -4.38 -1.06 3.56
N GLY A 5 -5.01 -2.15 4.00
CA GLY A 5 -4.26 -3.37 4.30
C GLY A 5 -3.67 -4.01 3.07
N PHE A 6 -3.00 -5.14 3.26
CA PHE A 6 -2.38 -5.86 2.14
C PHE A 6 -3.43 -6.42 1.19
N GLY A 7 -3.22 -6.21 -0.10
CA GLY A 7 -4.16 -6.69 -1.09
C GLY A 7 -5.25 -5.70 -1.39
N LYS A 8 -5.03 -4.45 -1.00
CA LYS A 8 -6.02 -3.39 -1.23
C LYS A 8 -5.63 -2.54 -2.44
N SER A 9 -6.65 -2.01 -3.13
CA SER A 9 -6.42 -1.19 -4.30
C SER A 9 -6.04 0.24 -3.90
N CYS A 10 -4.76 0.57 -4.07
CA CYS A 10 -4.26 1.90 -3.72
C CYS A 10 -3.78 2.64 -4.97
N ASN A 11 -3.37 3.89 -4.77
CA ASN A 11 -2.88 4.71 -5.88
C ASN A 11 -1.37 4.92 -5.77
N PRO A 12 -0.67 4.81 -6.92
CA PRO A 12 0.77 4.98 -6.98
C PRO A 12 1.20 6.44 -6.74
N SER A 13 0.45 7.36 -7.32
CA SER A 13 0.74 8.79 -7.18
C SER A 13 0.54 9.24 -5.74
N ASN A 14 -0.31 8.52 -5.01
CA ASN A 14 -0.60 8.85 -3.62
C ASN A 14 -0.70 7.59 -2.77
N ASP A 15 0.43 6.90 -2.62
CA ASP A 15 0.48 5.67 -1.83
C ASP A 15 -0.15 5.89 -0.46
N GLN A 16 -1.24 5.17 -0.18
CA GLN A 16 -1.92 5.29 1.09
C GLN A 16 -2.29 3.92 1.64
N CYS A 17 -1.29 3.23 2.19
CA CYS A 17 -1.50 1.90 2.75
C CYS A 17 -1.22 1.88 4.26
N CYS A 18 -1.26 0.70 4.85
CA CYS A 18 -1.01 0.56 6.28
C CYS A 18 0.48 0.43 6.56
N LYS A 19 1.08 1.52 7.04
CA LYS A 19 2.51 1.53 7.35
C LYS A 19 2.82 0.59 8.50
N SER A 20 1.91 0.51 9.46
CA SER A 20 2.08 -0.35 10.63
C SER A 20 2.33 -1.79 10.20
N SER A 21 1.67 -2.20 9.11
CA SER A 21 1.81 -3.56 8.60
C SER A 21 2.87 -3.63 7.51
N SER A 22 3.74 -2.62 7.48
CA SER A 22 4.80 -2.55 6.48
C SER A 22 4.23 -2.72 5.07
N LEU A 23 3.36 -1.80 4.67
CA LEU A 23 2.74 -1.84 3.35
C LEU A 23 3.12 -0.61 2.54
N ALA A 24 2.96 -0.70 1.23
CA ALA A 24 3.28 0.40 0.33
C ALA A 24 2.64 0.20 -1.04
N CYS A 25 2.36 1.31 -1.72
CA CYS A 25 1.74 1.26 -3.04
C CYS A 25 2.79 1.36 -4.13
N SER A 26 2.94 0.29 -4.92
CA SER A 26 3.91 0.26 -5.99
C SER A 26 3.26 0.58 -7.33
N THR A 27 3.98 1.34 -8.16
CA THR A 27 3.47 1.73 -9.47
C THR A 27 3.58 0.58 -10.47
N LYS A 28 4.10 -0.55 -10.01
CA LYS A 28 4.27 -1.73 -10.86
C LYS A 28 3.04 -2.63 -10.77
N HIS A 29 2.62 -2.95 -9.56
CA HIS A 29 1.46 -3.80 -9.34
C HIS A 29 0.24 -2.97 -8.93
N LYS A 30 0.49 -1.76 -8.44
CA LYS A 30 -0.58 -0.88 -8.01
C LYS A 30 -1.40 -1.51 -6.90
N TRP A 31 -0.76 -1.76 -5.77
CA TRP A 31 -1.42 -2.37 -4.62
C TRP A 31 -0.51 -2.38 -3.40
N CYS A 32 -1.12 -2.46 -2.22
CA CYS A 32 -0.35 -2.48 -0.97
C CYS A 32 0.50 -3.74 -0.87
N LYS A 33 1.74 -3.64 -1.32
CA LYS A 33 2.66 -4.77 -1.28
C LYS A 33 3.60 -4.67 -0.07
N TYR A 34 3.93 -5.83 0.51
CA TYR A 34 4.80 -5.87 1.66
C TYR A 34 6.16 -5.25 1.35
N GLU A 35 6.59 -4.32 2.19
CA GLU A 35 7.86 -3.65 1.99
C GLU A 35 8.95 -4.28 2.86
N LEU A 36 9.87 -5.01 2.22
CA LEU A 36 10.95 -5.66 2.93
C LEU A 36 12.30 -5.34 2.29
N GLY A 1 -7.61 4.41 13.33
CA GLY A 1 -6.70 4.39 12.20
C GLY A 1 -7.43 4.32 10.87
N ALA A 2 -6.77 4.78 9.82
CA ALA A 2 -7.36 4.76 8.48
C ALA A 2 -6.29 4.54 7.41
N CYS A 3 -6.25 3.33 6.87
CA CYS A 3 -5.28 2.98 5.83
C CYS A 3 -5.77 1.81 5.00
N LEU A 4 -4.92 1.34 4.09
CA LEU A 4 -5.26 0.21 3.24
C LEU A 4 -4.39 -1.01 3.55
N GLY A 5 -5.04 -2.11 3.89
CA GLY A 5 -4.32 -3.33 4.21
C GLY A 5 -3.70 -3.98 2.99
N PHE A 6 -3.04 -5.12 3.19
CA PHE A 6 -2.40 -5.83 2.09
C PHE A 6 -3.45 -6.39 1.13
N GLY A 7 -3.21 -6.19 -0.17
CA GLY A 7 -4.14 -6.68 -1.17
C GLY A 7 -5.23 -5.68 -1.48
N LYS A 8 -5.02 -4.44 -1.08
CA LYS A 8 -6.01 -3.38 -1.32
C LYS A 8 -5.61 -2.54 -2.53
N SER A 9 -6.61 -1.95 -3.19
CA SER A 9 -6.36 -1.12 -4.36
C SER A 9 -5.98 0.30 -3.96
N CYS A 10 -4.71 0.63 -4.12
CA CYS A 10 -4.21 1.95 -3.77
C CYS A 10 -3.70 2.69 -5.00
N ASN A 11 -3.29 3.94 -4.82
CA ASN A 11 -2.79 4.76 -5.92
C ASN A 11 -1.29 4.97 -5.80
N PRO A 12 -0.58 4.86 -6.93
CA PRO A 12 0.88 5.04 -6.98
C PRO A 12 1.29 6.48 -6.75
N SER A 13 0.55 7.41 -7.35
CA SER A 13 0.84 8.83 -7.20
C SER A 13 0.62 9.29 -5.77
N ASN A 14 -0.21 8.57 -5.04
CA ASN A 14 -0.50 8.90 -3.65
C ASN A 14 -0.61 7.63 -2.79
N ASP A 15 0.51 6.93 -2.65
CA ASP A 15 0.55 5.71 -1.85
C ASP A 15 -0.08 5.93 -0.48
N GLN A 16 -1.18 5.22 -0.22
CA GLN A 16 -1.87 5.35 1.06
C GLN A 16 -2.25 3.98 1.61
N CYS A 17 -1.27 3.28 2.17
CA CYS A 17 -1.50 1.95 2.72
C CYS A 17 -1.23 1.94 4.23
N CYS A 18 -1.29 0.76 4.82
CA CYS A 18 -1.06 0.61 6.25
C CYS A 18 0.43 0.45 6.55
N LYS A 19 1.05 1.51 7.08
CA LYS A 19 2.46 1.49 7.41
C LYS A 19 2.74 0.53 8.55
N SER A 20 1.79 0.42 9.47
CA SER A 20 1.94 -0.48 10.62
C SER A 20 2.21 -1.90 10.16
N SER A 21 1.61 -2.28 9.05
CA SER A 21 1.79 -3.63 8.51
C SER A 21 2.87 -3.65 7.43
N SER A 22 3.72 -2.61 7.44
CA SER A 22 4.80 -2.51 6.46
C SER A 22 4.26 -2.66 5.05
N LEU A 23 3.32 -1.80 4.68
CA LEU A 23 2.72 -1.84 3.36
C LEU A 23 3.12 -0.61 2.54
N ALA A 24 2.95 -0.70 1.22
CA ALA A 24 3.30 0.41 0.34
C ALA A 24 2.67 0.22 -1.04
N CYS A 25 2.39 1.33 -1.72
CA CYS A 25 1.79 1.29 -3.04
C CYS A 25 2.85 1.38 -4.13
N SER A 26 3.00 0.32 -4.90
CA SER A 26 3.98 0.27 -5.98
C SER A 26 3.34 0.58 -7.32
N THR A 27 4.04 1.33 -8.16
CA THR A 27 3.54 1.69 -9.48
C THR A 27 3.68 0.53 -10.46
N LYS A 28 4.21 -0.58 -9.97
CA LYS A 28 4.39 -1.77 -10.81
C LYS A 28 3.16 -2.66 -10.76
N HIS A 29 2.68 -2.96 -9.55
CA HIS A 29 1.51 -3.80 -9.37
C HIS A 29 0.30 -2.96 -8.97
N LYS A 30 0.55 -1.74 -8.49
CA LYS A 30 -0.52 -0.84 -8.07
C LYS A 30 -1.35 -1.46 -6.96
N TRP A 31 -0.71 -1.72 -5.82
CA TRP A 31 -1.39 -2.31 -4.68
C TRP A 31 -0.48 -2.32 -3.44
N CYS A 32 -1.10 -2.41 -2.27
CA CYS A 32 -0.35 -2.44 -1.02
C CYS A 32 0.51 -3.70 -0.92
N LYS A 33 1.77 -3.60 -1.33
CA LYS A 33 2.69 -4.73 -1.30
C LYS A 33 3.61 -4.64 -0.09
N TYR A 34 3.95 -5.78 0.49
CA TYR A 34 4.83 -5.82 1.65
C TYR A 34 6.18 -5.19 1.34
N GLU A 35 6.56 -4.20 2.14
CA GLU A 35 7.84 -3.50 1.94
C GLU A 35 8.99 -4.34 2.48
N LEU A 36 9.75 -4.94 1.57
CA LEU A 36 10.89 -5.76 1.95
C LEU A 36 12.19 -4.97 1.88
N GLY A 1 -5.61 5.84 12.09
CA GLY A 1 -6.49 4.69 12.25
C GLY A 1 -7.26 4.36 10.98
N ALA A 2 -6.73 4.80 9.84
CA ALA A 2 -7.37 4.55 8.56
C ALA A 2 -6.33 4.37 7.46
N CYS A 3 -6.17 3.13 7.00
CA CYS A 3 -5.21 2.81 5.95
C CYS A 3 -5.70 1.65 5.10
N LEU A 4 -4.87 1.21 4.16
CA LEU A 4 -5.21 0.11 3.28
C LEU A 4 -4.35 -1.11 3.55
N GLY A 5 -4.98 -2.21 3.95
CA GLY A 5 -4.25 -3.42 4.24
C GLY A 5 -3.66 -4.06 3.01
N PHE A 6 -3.00 -5.20 3.18
CA PHE A 6 -2.38 -5.91 2.06
C PHE A 6 -3.44 -6.44 1.11
N GLY A 7 -3.23 -6.22 -0.18
CA GLY A 7 -4.17 -6.69 -1.19
C GLY A 7 -5.27 -5.69 -1.47
N LYS A 8 -5.04 -4.44 -1.06
CA LYS A 8 -6.02 -3.38 -1.28
C LYS A 8 -5.62 -2.51 -2.47
N SER A 9 -6.63 -1.97 -3.16
CA SER A 9 -6.38 -1.12 -4.32
C SER A 9 -6.00 0.28 -3.89
N CYS A 10 -4.72 0.62 -4.06
CA CYS A 10 -4.21 1.94 -3.70
C CYS A 10 -3.73 2.69 -4.93
N ASN A 11 -3.31 3.93 -4.73
CA ASN A 11 -2.81 4.77 -5.81
C ASN A 11 -1.30 4.96 -5.71
N PRO A 12 -0.61 4.87 -6.85
CA PRO A 12 0.84 5.04 -6.92
C PRO A 12 1.27 6.47 -6.66
N SER A 13 0.53 7.41 -7.22
CA SER A 13 0.84 8.83 -7.06
C SER A 13 0.62 9.27 -5.61
N ASN A 14 -0.24 8.54 -4.91
CA ASN A 14 -0.55 8.86 -3.51
C ASN A 14 -0.64 7.58 -2.68
N ASP A 15 0.48 6.88 -2.55
CA ASP A 15 0.54 5.65 -1.78
C ASP A 15 -0.07 5.85 -0.39
N GLN A 16 -1.17 5.15 -0.12
CA GLN A 16 -1.84 5.26 1.16
C GLN A 16 -2.21 3.88 1.70
N CYS A 17 -1.22 3.17 2.23
CA CYS A 17 -1.45 1.83 2.78
C CYS A 17 -1.15 1.81 4.28
N CYS A 18 -1.20 0.62 4.86
CA CYS A 18 -0.96 0.46 6.29
C CYS A 18 0.54 0.31 6.56
N LYS A 19 1.15 1.38 7.05
CA LYS A 19 2.58 1.37 7.36
C LYS A 19 2.88 0.41 8.51
N SER A 20 1.94 0.30 9.45
CA SER A 20 2.12 -0.59 10.60
C SER A 20 2.37 -2.01 10.15
N SER A 21 1.73 -2.41 9.06
CA SER A 21 1.87 -3.76 8.52
C SER A 21 2.94 -3.80 7.43
N SER A 22 3.80 -2.78 7.41
CA SER A 22 4.86 -2.69 6.41
C SER A 22 4.29 -2.83 5.00
N LEU A 23 3.39 -1.92 4.64
CA LEU A 23 2.77 -1.94 3.32
C LEU A 23 3.17 -0.71 2.52
N ALA A 24 2.99 -0.79 1.20
CA ALA A 24 3.33 0.33 0.32
C ALA A 24 2.68 0.15 -1.05
N CYS A 25 2.40 1.27 -1.71
CA CYS A 25 1.77 1.24 -3.04
C CYS A 25 2.84 1.35 -4.13
N SER A 26 2.97 0.29 -4.92
CA SER A 26 3.95 0.26 -6.01
C SER A 26 3.29 0.63 -7.33
N THR A 27 4.01 1.39 -8.15
CA THR A 27 3.50 1.81 -9.46
C THR A 27 3.60 0.68 -10.47
N LYS A 28 4.12 -0.46 -10.03
CA LYS A 28 4.27 -1.63 -10.90
C LYS A 28 3.05 -2.53 -10.83
N HIS A 29 2.63 -2.86 -9.61
CA HIS A 29 1.47 -3.72 -9.40
C HIS A 29 0.25 -2.90 -8.98
N LYS A 30 0.51 -1.69 -8.46
CA LYS A 30 -0.56 -0.80 -8.02
C LYS A 30 -1.39 -1.45 -6.92
N TRP A 31 -0.74 -1.73 -5.79
CA TRP A 31 -1.41 -2.35 -4.66
C TRP A 31 -0.49 -2.38 -3.44
N CYS A 32 -1.10 -2.46 -2.25
CA CYS A 32 -0.34 -2.50 -1.01
C CYS A 32 0.51 -3.77 -0.93
N LYS A 33 1.76 -3.67 -1.38
CA LYS A 33 2.67 -4.81 -1.36
C LYS A 33 3.60 -4.73 -0.14
N TYR A 34 3.91 -5.89 0.42
CA TYR A 34 4.80 -5.96 1.58
C TYR A 34 6.16 -5.34 1.27
N GLU A 35 6.59 -4.42 2.11
CA GLU A 35 7.88 -3.76 1.92
C GLU A 35 8.97 -4.43 2.76
N LEU A 36 9.86 -5.16 2.10
CA LEU A 36 10.94 -5.85 2.78
C LEU A 36 12.21 -5.01 2.78
N GLY A 1 -6.61 4.69 12.90
CA GLY A 1 -6.71 3.39 12.24
C GLY A 1 -7.39 3.48 10.90
N ALA A 2 -6.79 4.22 9.98
CA ALA A 2 -7.36 4.38 8.63
C ALA A 2 -6.29 4.22 7.56
N CYS A 3 -6.24 3.04 6.95
CA CYS A 3 -5.27 2.75 5.90
C CYS A 3 -5.73 1.58 5.04
N LEU A 4 -4.88 1.16 4.12
CA LEU A 4 -5.20 0.06 3.22
C LEU A 4 -4.31 -1.15 3.50
N GLY A 5 -4.92 -2.23 3.94
CA GLY A 5 -4.17 -3.44 4.24
C GLY A 5 -3.56 -4.07 3.00
N PHE A 6 -2.90 -5.21 3.18
CA PHE A 6 -2.26 -5.90 2.07
C PHE A 6 -3.30 -6.45 1.10
N GLY A 7 -3.07 -6.25 -0.20
CA GLY A 7 -4.00 -6.73 -1.20
C GLY A 7 -5.11 -5.74 -1.49
N LYS A 8 -4.90 -4.49 -1.09
CA LYS A 8 -5.90 -3.44 -1.30
C LYS A 8 -5.51 -2.57 -2.49
N SER A 9 -6.52 -2.04 -3.18
CA SER A 9 -6.29 -1.19 -4.34
C SER A 9 -5.92 0.23 -3.91
N CYS A 10 -4.66 0.58 -4.07
CA CYS A 10 -4.18 1.91 -3.70
C CYS A 10 -3.70 2.68 -4.93
N ASN A 11 -3.30 3.94 -4.71
CA ASN A 11 -2.81 4.78 -5.81
C ASN A 11 -1.32 5.00 -5.69
N PRO A 12 -0.61 4.92 -6.82
CA PRO A 12 0.84 5.12 -6.87
C PRO A 12 1.23 6.57 -6.63
N SER A 13 0.47 7.50 -7.20
CA SER A 13 0.74 8.92 -7.03
C SER A 13 0.54 9.36 -5.58
N ASN A 14 -0.28 8.60 -4.86
CA ASN A 14 -0.56 8.90 -3.46
C ASN A 14 -0.64 7.63 -2.63
N ASP A 15 0.48 6.94 -2.50
CA ASP A 15 0.54 5.70 -1.73
C ASP A 15 -0.09 5.89 -0.35
N GLN A 16 -1.19 5.17 -0.10
CA GLN A 16 -1.88 5.26 1.18
C GLN A 16 -2.24 3.87 1.71
N CYS A 17 -1.24 3.18 2.24
CA CYS A 17 -1.45 1.84 2.78
C CYS A 17 -1.18 1.82 4.29
N CYS A 18 -1.22 0.62 4.87
CA CYS A 18 -0.98 0.45 6.29
C CYS A 18 0.51 0.32 6.59
N LYS A 19 1.10 1.39 7.11
CA LYS A 19 2.52 1.39 7.44
C LYS A 19 2.82 0.43 8.57
N SER A 20 1.88 0.30 9.51
CA SER A 20 2.05 -0.59 10.64
C SER A 20 2.35 -2.02 10.18
N SER A 21 1.75 -2.41 9.06
CA SER A 21 1.95 -3.75 8.52
C SER A 21 3.02 -3.73 7.43
N SER A 22 3.85 -2.69 7.44
CA SER A 22 4.92 -2.56 6.46
C SER A 22 4.37 -2.70 5.04
N LEU A 23 3.44 -1.83 4.68
CA LEU A 23 2.83 -1.87 3.35
C LEU A 23 3.21 -0.62 2.55
N ALA A 24 3.04 -0.69 1.24
CA ALA A 24 3.36 0.44 0.37
C ALA A 24 2.73 0.26 -1.02
N CYS A 25 2.43 1.36 -1.67
CA CYS A 25 1.82 1.33 -2.99
C CYS A 25 2.88 1.46 -4.08
N SER A 26 3.06 0.40 -4.87
CA SER A 26 4.04 0.39 -5.94
C SER A 26 3.38 0.73 -7.27
N THR A 27 4.10 1.51 -8.09
CA THR A 27 3.59 1.92 -9.39
C THR A 27 3.72 0.79 -10.41
N LYS A 28 4.26 -0.34 -9.96
CA LYS A 28 4.44 -1.50 -10.83
C LYS A 28 3.24 -2.42 -10.78
N HIS A 29 2.81 -2.76 -9.56
CA HIS A 29 1.65 -3.64 -9.38
C HIS A 29 0.42 -2.83 -8.96
N LYS A 30 0.65 -1.63 -8.45
CA LYS A 30 -0.44 -0.76 -8.02
C LYS A 30 -1.26 -1.42 -6.92
N TRP A 31 -0.61 -1.69 -5.79
CA TRP A 31 -1.29 -2.32 -4.66
C TRP A 31 -0.38 -2.35 -3.43
N CYS A 32 -0.99 -2.44 -2.25
CA CYS A 32 -0.24 -2.47 -1.01
C CYS A 32 0.62 -3.73 -0.92
N LYS A 33 1.88 -3.60 -1.35
CA LYS A 33 2.81 -4.72 -1.32
C LYS A 33 3.74 -4.64 -0.11
N TYR A 34 4.04 -5.79 0.47
CA TYR A 34 4.92 -5.85 1.64
C TYR A 34 6.29 -5.25 1.33
N GLU A 35 6.70 -4.28 2.15
CA GLU A 35 7.98 -3.62 1.95
C GLU A 35 9.06 -4.27 2.80
N LEU A 36 9.96 -5.01 2.15
CA LEU A 36 11.05 -5.69 2.85
C LEU A 36 12.38 -5.41 2.17
N GLY A 1 -7.19 5.24 13.15
CA GLY A 1 -6.33 4.70 12.10
C GLY A 1 -7.11 4.33 10.85
N ALA A 2 -6.74 4.94 9.72
CA ALA A 2 -7.40 4.66 8.46
C ALA A 2 -6.39 4.48 7.34
N CYS A 3 -6.13 3.22 6.98
CA CYS A 3 -5.17 2.91 5.93
C CYS A 3 -5.67 1.74 5.08
N LEU A 4 -4.83 1.30 4.15
CA LEU A 4 -5.18 0.19 3.27
C LEU A 4 -4.31 -1.03 3.56
N GLY A 5 -4.97 -2.14 3.90
CA GLY A 5 -4.24 -3.36 4.20
C GLY A 5 -3.65 -4.00 2.96
N PHE A 6 -2.99 -5.15 3.14
CA PHE A 6 -2.38 -5.86 2.03
C PHE A 6 -3.43 -6.40 1.07
N GLY A 7 -3.24 -6.17 -0.22
CA GLY A 7 -4.18 -6.64 -1.21
C GLY A 7 -5.27 -5.62 -1.50
N LYS A 8 -5.05 -4.38 -1.09
CA LYS A 8 -6.01 -3.31 -1.31
C LYS A 8 -5.63 -2.47 -2.51
N SER A 9 -6.63 -1.87 -3.16
CA SER A 9 -6.39 -1.03 -4.32
C SER A 9 -5.98 0.38 -3.90
N CYS A 10 -4.70 0.70 -4.08
CA CYS A 10 -4.19 2.01 -3.71
C CYS A 10 -3.69 2.76 -4.95
N ASN A 11 -3.26 4.00 -4.75
CA ASN A 11 -2.76 4.82 -5.85
C ASN A 11 -1.25 4.99 -5.75
N PRO A 12 -0.57 4.88 -6.91
CA PRO A 12 0.89 5.02 -6.99
C PRO A 12 1.35 6.45 -6.72
N SER A 13 0.63 7.41 -7.27
CA SER A 13 0.97 8.82 -7.09
C SER A 13 0.72 9.26 -5.65
N ASN A 14 -0.19 8.57 -4.97
CA ASN A 14 -0.51 8.89 -3.59
C ASN A 14 -0.61 7.63 -2.74
N ASP A 15 0.52 6.92 -2.62
CA ASP A 15 0.56 5.69 -1.84
C ASP A 15 -0.04 5.90 -0.45
N GLN A 16 -1.13 5.21 -0.16
CA GLN A 16 -1.80 5.33 1.13
C GLN A 16 -2.17 3.95 1.67
N CYS A 17 -1.18 3.23 2.20
CA CYS A 17 -1.41 1.90 2.75
C CYS A 17 -1.11 1.89 4.25
N CYS A 18 -1.17 0.70 4.85
CA CYS A 18 -0.91 0.55 6.27
C CYS A 18 0.58 0.38 6.55
N LYS A 19 1.20 1.43 7.07
CA LYS A 19 2.62 1.41 7.38
C LYS A 19 2.91 0.44 8.52
N SER A 20 1.96 0.30 9.44
CA SER A 20 2.12 -0.59 10.58
C SER A 20 2.39 -2.02 10.11
N SER A 21 1.75 -2.41 9.01
CA SER A 21 1.91 -3.76 8.46
C SER A 21 2.98 -3.77 7.37
N SER A 22 3.82 -2.74 7.37
CA SER A 22 4.88 -2.63 6.38
C SER A 22 4.32 -2.78 4.96
N LEU A 23 3.40 -1.88 4.61
CA LEU A 23 2.79 -1.90 3.28
C LEU A 23 3.19 -0.67 2.48
N ALA A 24 3.01 -0.75 1.17
CA ALA A 24 3.34 0.36 0.28
C ALA A 24 2.71 0.19 -1.09
N CYS A 25 2.42 1.30 -1.76
CA CYS A 25 1.81 1.26 -3.08
C CYS A 25 2.87 1.37 -4.17
N SER A 26 2.97 0.33 -4.99
CA SER A 26 3.94 0.30 -6.08
C SER A 26 3.29 0.66 -7.41
N THR A 27 4.01 1.41 -8.24
CA THR A 27 3.50 1.82 -9.54
C THR A 27 3.59 0.69 -10.55
N LYS A 28 4.09 -0.45 -10.09
CA LYS A 28 4.24 -1.62 -10.96
C LYS A 28 3.00 -2.52 -10.88
N HIS A 29 2.58 -2.84 -9.66
CA HIS A 29 1.41 -3.67 -9.45
C HIS A 29 0.21 -2.84 -9.02
N LYS A 30 0.48 -1.64 -8.51
CA LYS A 30 -0.58 -0.75 -8.07
C LYS A 30 -1.41 -1.39 -6.95
N TRP A 31 -0.76 -1.67 -5.83
CA TRP A 31 -1.42 -2.28 -4.70
C TRP A 31 -0.50 -2.33 -3.47
N CYS A 32 -1.10 -2.40 -2.29
CA CYS A 32 -0.33 -2.45 -1.05
C CYS A 32 0.50 -3.73 -0.98
N LYS A 33 1.76 -3.62 -1.42
CA LYS A 33 2.66 -4.77 -1.40
C LYS A 33 3.59 -4.71 -0.20
N TYR A 34 3.88 -5.86 0.39
CA TYR A 34 4.77 -5.94 1.54
C TYR A 34 6.15 -5.37 1.21
N GLU A 35 6.58 -4.38 1.99
CA GLU A 35 7.88 -3.76 1.77
C GLU A 35 8.92 -4.32 2.75
N LEU A 36 9.80 -5.17 2.24
CA LEU A 36 10.84 -5.77 3.07
C LEU A 36 12.10 -4.90 3.08
N GLY A 1 -6.63 4.45 13.11
CA GLY A 1 -6.56 3.26 12.28
C GLY A 1 -7.25 3.43 10.94
N ALA A 2 -6.62 4.18 10.04
CA ALA A 2 -7.18 4.42 8.72
C ALA A 2 -6.12 4.25 7.63
N CYS A 3 -6.14 3.10 6.97
CA CYS A 3 -5.18 2.81 5.91
C CYS A 3 -5.65 1.65 5.04
N LEU A 4 -4.81 1.24 4.11
CA LEU A 4 -5.14 0.12 3.22
C LEU A 4 -4.25 -1.09 3.51
N GLY A 5 -4.87 -2.17 3.96
CA GLY A 5 -4.12 -3.37 4.26
C GLY A 5 -3.54 -4.03 3.02
N PHE A 6 -2.88 -5.17 3.22
CA PHE A 6 -2.28 -5.90 2.10
C PHE A 6 -3.34 -6.45 1.16
N GLY A 7 -3.13 -6.25 -0.14
CA GLY A 7 -4.08 -6.73 -1.13
C GLY A 7 -5.19 -5.73 -1.39
N LYS A 8 -4.97 -4.48 -1.01
CA LYS A 8 -5.95 -3.42 -1.21
C LYS A 8 -5.60 -2.57 -2.42
N SER A 9 -6.61 -1.97 -3.04
CA SER A 9 -6.39 -1.12 -4.21
C SER A 9 -6.00 0.29 -3.79
N CYS A 10 -4.73 0.63 -3.99
CA CYS A 10 -4.22 1.95 -3.63
C CYS A 10 -3.76 2.70 -4.87
N ASN A 11 -3.34 3.95 -4.68
CA ASN A 11 -2.86 4.78 -5.78
C ASN A 11 -1.35 4.97 -5.70
N PRO A 12 -0.68 4.88 -6.86
CA PRO A 12 0.77 5.04 -6.95
C PRO A 12 1.21 6.47 -6.70
N SER A 13 0.46 7.42 -7.25
CA SER A 13 0.77 8.84 -7.10
C SER A 13 0.54 9.29 -5.66
N ASN A 14 -0.28 8.54 -4.93
CA ASN A 14 -0.58 8.86 -3.54
C ASN A 14 -0.61 7.60 -2.69
N ASP A 15 0.54 6.96 -2.52
CA ASP A 15 0.64 5.74 -1.73
C ASP A 15 -0.02 5.93 -0.37
N GLN A 16 -1.10 5.19 -0.12
CA GLN A 16 -1.81 5.28 1.14
C GLN A 16 -2.16 3.88 1.67
N CYS A 17 -1.17 3.20 2.23
CA CYS A 17 -1.36 1.86 2.77
C CYS A 17 -1.09 1.84 4.27
N CYS A 18 -1.13 0.65 4.85
CA CYS A 18 -0.90 0.48 6.28
C CYS A 18 0.60 0.30 6.57
N LYS A 19 1.23 1.37 7.03
CA LYS A 19 2.65 1.33 7.35
C LYS A 19 2.93 0.38 8.51
N SER A 20 1.98 0.28 9.43
CA SER A 20 2.13 -0.59 10.59
C SER A 20 2.41 -2.02 10.15
N SER A 21 1.84 -2.42 9.02
CA SER A 21 2.04 -3.77 8.50
C SER A 21 3.09 -3.78 7.39
N SER A 22 3.92 -2.74 7.38
CA SER A 22 4.98 -2.63 6.37
C SER A 22 4.40 -2.78 4.97
N LEU A 23 3.51 -1.87 4.59
CA LEU A 23 2.89 -1.89 3.28
C LEU A 23 3.26 -0.65 2.47
N ALA A 24 3.06 -0.72 1.16
CA ALA A 24 3.37 0.39 0.27
C ALA A 24 2.72 0.21 -1.10
N CYS A 25 2.41 1.32 -1.75
CA CYS A 25 1.79 1.29 -3.07
C CYS A 25 2.83 1.40 -4.17
N SER A 26 2.94 0.36 -4.99
CA SER A 26 3.90 0.34 -6.09
C SER A 26 3.22 0.64 -7.41
N THR A 27 3.90 1.40 -8.27
CA THR A 27 3.36 1.77 -9.57
C THR A 27 3.48 0.61 -10.55
N LYS A 28 4.03 -0.50 -10.09
CA LYS A 28 4.20 -1.69 -10.93
C LYS A 28 2.97 -2.58 -10.86
N HIS A 29 2.52 -2.88 -9.65
CA HIS A 29 1.35 -3.72 -9.45
C HIS A 29 0.15 -2.89 -9.02
N LYS A 30 0.42 -1.69 -8.51
CA LYS A 30 -0.65 -0.79 -8.06
C LYS A 30 -1.44 -1.44 -6.93
N TRP A 31 -0.78 -1.70 -5.81
CA TRP A 31 -1.43 -2.31 -4.66
C TRP A 31 -0.48 -2.34 -3.45
N CYS A 32 -1.06 -2.44 -2.27
CA CYS A 32 -0.27 -2.49 -1.04
C CYS A 32 0.58 -3.75 -0.98
N LYS A 33 1.82 -3.65 -1.43
CA LYS A 33 2.74 -4.78 -1.42
C LYS A 33 3.70 -4.69 -0.24
N TYR A 34 4.00 -5.85 0.35
CA TYR A 34 4.90 -5.91 1.49
C TYR A 34 6.27 -5.34 1.14
N GLU A 35 6.71 -4.35 1.90
CA GLU A 35 8.00 -3.71 1.67
C GLU A 35 9.02 -4.16 2.71
N LEU A 36 9.93 -5.04 2.29
CA LEU A 36 10.97 -5.55 3.19
C LEU A 36 12.34 -5.46 2.53
N GLY A 1 -5.55 3.77 12.36
CA GLY A 1 -6.66 4.69 12.19
C GLY A 1 -7.40 4.47 10.89
N ALA A 2 -6.77 4.86 9.78
CA ALA A 2 -7.38 4.70 8.46
C ALA A 2 -6.31 4.50 7.39
N CYS A 3 -6.21 3.27 6.90
CA CYS A 3 -5.22 2.93 5.88
C CYS A 3 -5.70 1.74 5.04
N LEU A 4 -4.84 1.28 4.13
CA LEU A 4 -5.17 0.15 3.27
C LEU A 4 -4.29 -1.05 3.60
N GLY A 5 -4.92 -2.17 3.93
CA GLY A 5 -4.18 -3.38 4.26
C GLY A 5 -3.58 -4.04 3.03
N PHE A 6 -2.91 -5.16 3.23
CA PHE A 6 -2.27 -5.88 2.15
C PHE A 6 -3.33 -6.46 1.20
N GLY A 7 -3.13 -6.24 -0.09
CA GLY A 7 -4.07 -6.75 -1.08
C GLY A 7 -5.17 -5.75 -1.40
N LYS A 8 -4.95 -4.49 -1.04
CA LYS A 8 -5.92 -3.45 -1.30
C LYS A 8 -5.52 -2.60 -2.50
N SER A 9 -6.51 -2.01 -3.16
CA SER A 9 -6.26 -1.18 -4.33
C SER A 9 -5.90 0.26 -3.93
N CYS A 10 -4.61 0.59 -4.08
CA CYS A 10 -4.14 1.92 -3.74
C CYS A 10 -3.64 2.66 -4.97
N ASN A 11 -3.24 3.91 -4.79
CA ASN A 11 -2.74 4.73 -5.89
C ASN A 11 -1.23 4.95 -5.76
N PRO A 12 -0.52 4.84 -6.90
CA PRO A 12 0.93 5.02 -6.94
C PRO A 12 1.34 6.47 -6.72
N SER A 13 0.59 7.40 -7.30
CA SER A 13 0.88 8.82 -7.17
C SER A 13 0.69 9.27 -5.72
N ASN A 14 -0.15 8.55 -4.99
CA ASN A 14 -0.42 8.87 -3.59
C ASN A 14 -0.54 7.62 -2.75
N ASP A 15 0.57 6.90 -2.61
CA ASP A 15 0.60 5.67 -1.82
C ASP A 15 -0.02 5.89 -0.45
N GLN A 16 -1.12 5.20 -0.18
CA GLN A 16 -1.80 5.33 1.10
C GLN A 16 -2.17 3.95 1.65
N CYS A 17 -1.19 3.25 2.21
CA CYS A 17 -1.42 1.93 2.76
C CYS A 17 -1.15 1.92 4.26
N CYS A 18 -1.21 0.74 4.87
CA CYS A 18 -0.99 0.60 6.31
C CYS A 18 0.50 0.45 6.60
N LYS A 19 1.11 1.52 7.12
CA LYS A 19 2.52 1.51 7.46
C LYS A 19 2.81 0.56 8.62
N SER A 20 1.85 0.46 9.54
CA SER A 20 1.99 -0.41 10.70
C SER A 20 2.27 -1.85 10.27
N SER A 21 1.67 -2.26 9.16
CA SER A 21 1.85 -3.61 8.64
C SER A 21 2.93 -3.64 7.56
N SER A 22 3.77 -2.60 7.55
CA SER A 22 4.84 -2.50 6.56
C SER A 22 4.30 -2.67 5.15
N LEU A 23 3.42 -1.77 4.74
CA LEU A 23 2.82 -1.81 3.41
C LEU A 23 3.22 -0.59 2.59
N ALA A 24 3.04 -0.68 1.28
CA ALA A 24 3.38 0.42 0.38
C ALA A 24 2.75 0.23 -0.99
N CYS A 25 2.47 1.34 -1.67
CA CYS A 25 1.86 1.29 -2.99
C CYS A 25 2.93 1.39 -4.08
N SER A 26 3.10 0.31 -4.82
CA SER A 26 4.10 0.28 -5.89
C SER A 26 3.45 0.63 -7.23
N THR A 27 4.18 1.40 -8.04
CA THR A 27 3.69 1.80 -9.35
C THR A 27 3.81 0.68 -10.36
N LYS A 28 4.32 -0.47 -9.92
CA LYS A 28 4.49 -1.63 -10.79
C LYS A 28 3.27 -2.54 -10.71
N HIS A 29 2.86 -2.87 -9.50
CA HIS A 29 1.71 -3.74 -9.28
C HIS A 29 0.48 -2.92 -8.90
N LYS A 30 0.72 -1.72 -8.38
CA LYS A 30 -0.37 -0.83 -7.97
C LYS A 30 -1.22 -1.49 -6.87
N TRP A 31 -0.59 -1.74 -5.74
CA TRP A 31 -1.27 -2.36 -4.61
C TRP A 31 -0.37 -2.41 -3.37
N CYS A 32 -1.00 -2.47 -2.20
CA CYS A 32 -0.24 -2.51 -0.95
C CYS A 32 0.59 -3.79 -0.85
N LYS A 33 1.85 -3.68 -1.24
CA LYS A 33 2.76 -4.83 -1.21
C LYS A 33 3.69 -4.75 0.00
N TYR A 34 4.01 -5.90 0.57
CA TYR A 34 4.88 -5.96 1.74
C TYR A 34 6.25 -5.35 1.42
N GLU A 35 6.64 -4.36 2.22
CA GLU A 35 7.92 -3.69 2.03
C GLU A 35 9.06 -4.51 2.63
N LEU A 36 9.85 -5.16 1.77
CA LEU A 36 10.96 -5.98 2.22
C LEU A 36 12.29 -5.27 1.96
N GLY A 1 -7.20 4.74 13.08
CA GLY A 1 -6.74 3.72 12.18
C GLY A 1 -7.42 3.77 10.83
N ALA A 2 -6.81 4.47 9.88
CA ALA A 2 -7.38 4.60 8.54
C ALA A 2 -6.29 4.41 7.48
N CYS A 3 -6.26 3.22 6.89
CA CYS A 3 -5.29 2.91 5.85
C CYS A 3 -5.75 1.73 5.00
N LEU A 4 -4.89 1.29 4.08
CA LEU A 4 -5.22 0.17 3.21
C LEU A 4 -4.35 -1.04 3.53
N GLY A 5 -4.98 -2.15 3.88
CA GLY A 5 -4.25 -3.36 4.20
C GLY A 5 -3.63 -4.00 2.98
N PHE A 6 -2.96 -5.14 3.18
CA PHE A 6 -2.32 -5.85 2.10
C PHE A 6 -3.36 -6.42 1.13
N GLY A 7 -3.14 -6.21 -0.17
CA GLY A 7 -4.06 -6.70 -1.17
C GLY A 7 -5.16 -5.71 -1.48
N LYS A 8 -4.95 -4.45 -1.10
CA LYS A 8 -5.92 -3.40 -1.35
C LYS A 8 -5.53 -2.57 -2.57
N SER A 9 -6.51 -1.92 -3.18
CA SER A 9 -6.26 -1.09 -4.35
C SER A 9 -5.90 0.33 -3.94
N CYS A 10 -4.62 0.67 -4.09
CA CYS A 10 -4.14 2.00 -3.73
C CYS A 10 -3.64 2.75 -4.97
N ASN A 11 -3.23 4.00 -4.77
CA ASN A 11 -2.74 4.82 -5.87
C ASN A 11 -1.24 5.06 -5.74
N PRO A 12 -0.52 4.95 -6.87
CA PRO A 12 0.93 5.16 -6.90
C PRO A 12 1.32 6.61 -6.66
N SER A 13 0.57 7.52 -7.27
CA SER A 13 0.84 8.95 -7.12
C SER A 13 0.66 9.40 -5.68
N ASN A 14 -0.14 8.65 -4.93
CA ASN A 14 -0.41 8.97 -3.53
C ASN A 14 -0.52 7.70 -2.70
N ASP A 15 0.59 6.99 -2.55
CA ASP A 15 0.60 5.75 -1.77
C ASP A 15 -0.04 5.96 -0.40
N GLN A 16 -1.12 5.25 -0.15
CA GLN A 16 -1.83 5.35 1.12
C GLN A 16 -2.20 3.97 1.66
N CYS A 17 -1.22 3.27 2.21
CA CYS A 17 -1.45 1.94 2.76
C CYS A 17 -1.19 1.91 4.27
N CYS A 18 -1.25 0.73 4.86
CA CYS A 18 -1.02 0.57 6.29
C CYS A 18 0.46 0.41 6.59
N LYS A 19 1.06 1.46 7.14
CA LYS A 19 2.49 1.43 7.48
C LYS A 19 2.75 0.45 8.62
N SER A 20 1.80 0.34 9.54
CA SER A 20 1.94 -0.55 10.69
C SER A 20 2.21 -1.98 10.22
N SER A 21 1.60 -2.36 9.11
CA SER A 21 1.78 -3.70 8.56
C SER A 21 2.86 -3.71 7.49
N SER A 22 3.71 -2.69 7.49
CA SER A 22 4.77 -2.57 6.51
C SER A 22 4.24 -2.72 5.10
N LEU A 23 3.36 -1.79 4.70
CA LEU A 23 2.77 -1.82 3.37
C LEU A 23 3.18 -0.58 2.57
N ALA A 24 3.01 -0.66 1.25
CA ALA A 24 3.35 0.45 0.38
C ALA A 24 2.73 0.28 -1.01
N CYS A 25 2.45 1.39 -1.67
CA CYS A 25 1.86 1.36 -3.00
C CYS A 25 2.93 1.44 -4.09
N SER A 26 3.08 0.38 -4.86
CA SER A 26 4.07 0.33 -5.92
C SER A 26 3.43 0.69 -7.26
N THR A 27 4.17 1.44 -8.07
CA THR A 27 3.68 1.87 -9.39
C THR A 27 3.81 0.73 -10.39
N LYS A 28 4.32 -0.41 -9.94
CA LYS A 28 4.48 -1.58 -10.81
C LYS A 28 3.26 -2.48 -10.75
N HIS A 29 2.83 -2.81 -9.53
CA HIS A 29 1.68 -3.67 -9.33
C HIS A 29 0.45 -2.84 -8.95
N LYS A 30 0.68 -1.63 -8.46
CA LYS A 30 -0.40 -0.75 -8.05
C LYS A 30 -1.23 -1.38 -6.94
N TRP A 31 -0.61 -1.63 -5.80
CA TRP A 31 -1.29 -2.23 -4.66
C TRP A 31 -0.40 -2.24 -3.43
N CYS A 32 -1.01 -2.40 -2.26
CA CYS A 32 -0.27 -2.43 -1.01
C CYS A 32 0.59 -3.70 -0.92
N LYS A 33 1.84 -3.59 -1.31
CA LYS A 33 2.76 -4.73 -1.27
C LYS A 33 3.68 -4.64 -0.05
N TYR A 34 3.98 -5.79 0.54
CA TYR A 34 4.84 -5.85 1.71
C TYR A 34 6.20 -5.25 1.41
N GLU A 35 6.61 -4.29 2.23
CA GLU A 35 7.91 -3.64 2.05
C GLU A 35 8.98 -4.31 2.91
N LEU A 36 9.88 -5.02 2.25
CA LEU A 36 10.96 -5.71 2.95
C LEU A 36 12.23 -4.87 2.97
N GLY A 1 -5.59 3.05 12.19
CA GLY A 1 -6.65 4.05 12.11
C GLY A 1 -7.34 4.05 10.76
N ALA A 2 -6.73 4.72 9.79
CA ALA A 2 -7.29 4.80 8.45
C ALA A 2 -6.21 4.56 7.40
N CYS A 3 -6.18 3.35 6.85
CA CYS A 3 -5.20 3.00 5.82
C CYS A 3 -5.69 1.82 4.98
N LEU A 4 -4.84 1.35 4.09
CA LEU A 4 -5.18 0.23 3.21
C LEU A 4 -4.31 -0.98 3.51
N GLY A 5 -4.93 -2.06 3.96
CA GLY A 5 -4.20 -3.27 4.27
C GLY A 5 -3.61 -3.92 3.04
N PHE A 6 -2.97 -5.07 3.23
CA PHE A 6 -2.35 -5.79 2.11
C PHE A 6 -3.42 -6.34 1.17
N GLY A 7 -3.21 -6.15 -0.12
CA GLY A 7 -4.16 -6.62 -1.11
C GLY A 7 -5.25 -5.62 -1.41
N LYS A 8 -5.01 -4.37 -1.03
CA LYS A 8 -5.98 -3.30 -1.24
C LYS A 8 -5.60 -2.45 -2.46
N SER A 9 -6.60 -1.88 -3.13
CA SER A 9 -6.37 -1.06 -4.30
C SER A 9 -5.97 0.36 -3.90
N CYS A 10 -4.69 0.68 -4.07
CA CYS A 10 -4.18 2.00 -3.72
C CYS A 10 -3.68 2.73 -4.96
N ASN A 11 -3.26 3.97 -4.78
CA ASN A 11 -2.76 4.79 -5.89
C ASN A 11 -1.24 4.98 -5.78
N PRO A 12 -0.56 4.86 -6.93
CA PRO A 12 0.89 5.02 -7.00
C PRO A 12 1.34 6.46 -6.76
N SER A 13 0.60 7.40 -7.33
CA SER A 13 0.92 8.81 -7.18
C SER A 13 0.67 9.28 -5.75
N ASN A 14 -0.18 8.54 -5.03
CA ASN A 14 -0.50 8.88 -3.65
C ASN A 14 -0.56 7.63 -2.79
N ASP A 15 0.59 6.98 -2.60
CA ASP A 15 0.66 5.78 -1.79
C ASP A 15 -0.01 5.98 -0.43
N GLN A 16 -1.09 5.24 -0.19
CA GLN A 16 -1.83 5.35 1.06
C GLN A 16 -2.18 3.96 1.59
N CYS A 17 -1.21 3.28 2.18
CA CYS A 17 -1.42 1.95 2.72
C CYS A 17 -1.18 1.94 4.23
N CYS A 18 -1.23 0.75 4.82
CA CYS A 18 -1.01 0.60 6.26
C CYS A 18 0.47 0.44 6.57
N LYS A 19 1.09 1.51 7.04
CA LYS A 19 2.51 1.49 7.38
C LYS A 19 2.78 0.54 8.55
N SER A 20 1.82 0.45 9.45
CA SER A 20 1.96 -0.42 10.62
C SER A 20 2.27 -1.85 10.19
N SER A 21 1.69 -2.28 9.07
CA SER A 21 1.89 -3.62 8.55
C SER A 21 2.97 -3.63 7.48
N SER A 22 3.80 -2.59 7.46
CA SER A 22 4.87 -2.46 6.48
C SER A 22 4.32 -2.63 5.06
N LEU A 23 3.41 -1.74 4.68
CA LEU A 23 2.81 -1.79 3.35
C LEU A 23 3.20 -0.57 2.53
N ALA A 24 3.03 -0.66 1.22
CA ALA A 24 3.35 0.44 0.32
C ALA A 24 2.72 0.25 -1.05
N CYS A 25 2.42 1.35 -1.73
CA CYS A 25 1.82 1.31 -3.05
C CYS A 25 2.88 1.40 -4.14
N SER A 26 3.00 0.34 -4.94
CA SER A 26 3.98 0.31 -6.01
C SER A 26 3.32 0.60 -7.36
N THR A 27 4.03 1.36 -8.20
CA THR A 27 3.51 1.71 -9.52
C THR A 27 3.63 0.55 -10.49
N LYS A 28 4.17 -0.56 -10.01
CA LYS A 28 4.34 -1.76 -10.84
C LYS A 28 3.11 -2.64 -10.79
N HIS A 29 2.64 -2.93 -9.57
CA HIS A 29 1.47 -3.77 -9.38
C HIS A 29 0.26 -2.92 -8.97
N LYS A 30 0.52 -1.72 -8.47
CA LYS A 30 -0.53 -0.83 -8.05
C LYS A 30 -1.36 -1.45 -6.93
N TRP A 31 -0.71 -1.71 -5.80
CA TRP A 31 -1.38 -2.31 -4.65
C TRP A 31 -0.47 -2.34 -3.44
N CYS A 32 -1.07 -2.41 -2.25
CA CYS A 32 -0.30 -2.44 -1.02
C CYS A 32 0.53 -3.72 -0.92
N LYS A 33 1.79 -3.62 -1.35
CA LYS A 33 2.69 -4.77 -1.32
C LYS A 33 3.64 -4.69 -0.12
N TYR A 34 3.90 -5.85 0.49
CA TYR A 34 4.79 -5.90 1.65
C TYR A 34 6.17 -5.36 1.31
N GLU A 35 6.62 -4.37 2.08
CA GLU A 35 7.93 -3.77 1.86
C GLU A 35 9.02 -4.56 2.57
N LEU A 36 9.79 -5.30 1.80
CA LEU A 36 10.88 -6.10 2.35
C LEU A 36 12.19 -5.32 2.37
N GLY A 1 -5.27 3.92 12.45
CA GLY A 1 -6.43 4.78 12.31
C GLY A 1 -7.21 4.50 11.04
N ALA A 2 -6.65 4.91 9.91
CA ALA A 2 -7.30 4.70 8.61
C ALA A 2 -6.27 4.53 7.51
N CYS A 3 -6.14 3.29 7.01
CA CYS A 3 -5.19 3.00 5.95
C CYS A 3 -5.68 1.83 5.09
N LEU A 4 -4.85 1.41 4.15
CA LEU A 4 -5.19 0.30 3.26
C LEU A 4 -4.34 -0.93 3.56
N GLY A 5 -4.99 -2.00 4.00
CA GLY A 5 -4.27 -3.22 4.32
C GLY A 5 -3.71 -3.89 3.08
N PHE A 6 -3.06 -5.04 3.28
CA PHE A 6 -2.48 -5.79 2.16
C PHE A 6 -3.56 -6.33 1.24
N GLY A 7 -3.37 -6.15 -0.07
CA GLY A 7 -4.33 -6.63 -1.04
C GLY A 7 -5.42 -5.60 -1.32
N LYS A 8 -5.15 -4.35 -0.97
CA LYS A 8 -6.11 -3.27 -1.19
C LYS A 8 -5.71 -2.43 -2.41
N SER A 9 -6.70 -1.83 -3.06
CA SER A 9 -6.45 -1.01 -4.23
C SER A 9 -6.05 0.41 -3.83
N CYS A 10 -4.76 0.73 -4.00
CA CYS A 10 -4.24 2.04 -3.66
C CYS A 10 -3.75 2.78 -4.89
N ASN A 11 -3.32 4.02 -4.71
CA ASN A 11 -2.82 4.83 -5.82
C ASN A 11 -1.30 5.00 -5.73
N PRO A 12 -0.63 4.89 -6.88
CA PRO A 12 0.83 5.01 -6.97
C PRO A 12 1.28 6.45 -6.72
N SER A 13 0.55 7.41 -7.28
CA SER A 13 0.89 8.82 -7.13
C SER A 13 0.68 9.27 -5.68
N ASN A 14 -0.20 8.57 -4.98
CA ASN A 14 -0.50 8.91 -3.59
C ASN A 14 -0.60 7.64 -2.74
N ASP A 15 0.52 6.93 -2.63
CA ASP A 15 0.56 5.69 -1.84
C ASP A 15 -0.01 5.93 -0.45
N GLN A 16 -1.11 5.24 -0.14
CA GLN A 16 -1.76 5.37 1.16
C GLN A 16 -2.15 4.01 1.71
N CYS A 17 -1.16 3.29 2.23
CA CYS A 17 -1.40 1.97 2.79
C CYS A 17 -1.10 1.95 4.29
N CYS A 18 -1.17 0.76 4.89
CA CYS A 18 -0.92 0.61 6.32
C CYS A 18 0.58 0.45 6.58
N LYS A 19 1.21 1.51 7.08
CA LYS A 19 2.63 1.49 7.38
C LYS A 19 2.93 0.50 8.52
N SER A 20 2.01 0.40 9.47
CA SER A 20 2.18 -0.48 10.61
C SER A 20 2.43 -1.92 10.14
N SER A 21 1.77 -2.31 9.06
CA SER A 21 1.92 -3.65 8.52
C SER A 21 2.99 -3.68 7.43
N SER A 22 3.84 -2.65 7.40
CA SER A 22 4.89 -2.55 6.41
C SER A 22 4.33 -2.70 5.00
N LEU A 23 3.39 -1.83 4.66
CA LEU A 23 2.77 -1.86 3.33
C LEU A 23 3.18 -0.64 2.51
N ALA A 24 2.98 -0.72 1.20
CA ALA A 24 3.31 0.37 0.31
C ALA A 24 2.66 0.19 -1.06
N CYS A 25 2.38 1.31 -1.73
CA CYS A 25 1.76 1.27 -3.05
C CYS A 25 2.80 1.37 -4.15
N SER A 26 2.93 0.30 -4.94
CA SER A 26 3.88 0.25 -6.02
C SER A 26 3.22 0.62 -7.36
N THR A 27 3.94 1.37 -8.19
CA THR A 27 3.42 1.79 -9.48
C THR A 27 3.50 0.66 -10.49
N LYS A 28 4.00 -0.49 -10.06
CA LYS A 28 4.13 -1.66 -10.93
C LYS A 28 2.90 -2.55 -10.82
N HIS A 29 2.51 -2.88 -9.59
CA HIS A 29 1.35 -3.72 -9.34
C HIS A 29 0.15 -2.88 -8.93
N LYS A 30 0.41 -1.68 -8.43
CA LYS A 30 -0.65 -0.78 -7.99
C LYS A 30 -1.48 -1.41 -6.88
N TRP A 31 -0.83 -1.68 -5.75
CA TRP A 31 -1.51 -2.28 -4.60
C TRP A 31 -0.58 -2.35 -3.40
N CYS A 32 -1.17 -2.40 -2.20
CA CYS A 32 -0.40 -2.47 -0.98
C CYS A 32 0.41 -3.75 -0.91
N LYS A 33 1.68 -3.67 -1.30
CA LYS A 33 2.56 -4.83 -1.28
C LYS A 33 3.52 -4.77 -0.10
N TYR A 34 3.80 -5.92 0.51
CA TYR A 34 4.70 -5.99 1.64
C TYR A 34 6.08 -5.45 1.28
N GLU A 35 6.56 -4.48 2.04
CA GLU A 35 7.87 -3.88 1.80
C GLU A 35 8.94 -4.56 2.65
N LEU A 36 9.78 -5.36 2.02
CA LEU A 36 10.85 -6.08 2.71
C LEU A 36 12.12 -5.23 2.76
N GLY A 1 -6.74 5.70 12.73
CA GLY A 1 -6.76 4.34 12.22
C GLY A 1 -7.49 4.23 10.90
N ALA A 2 -6.82 4.64 9.82
CA ALA A 2 -7.40 4.57 8.49
C ALA A 2 -6.33 4.37 7.43
N CYS A 3 -6.26 3.17 6.87
CA CYS A 3 -5.28 2.85 5.84
C CYS A 3 -5.75 1.67 4.99
N LEU A 4 -4.90 1.23 4.08
CA LEU A 4 -5.22 0.11 3.20
C LEU A 4 -4.34 -1.10 3.50
N GLY A 5 -4.96 -2.18 3.95
CA GLY A 5 -4.22 -3.39 4.27
C GLY A 5 -3.62 -4.04 3.04
N PHE A 6 -2.94 -5.16 3.24
CA PHE A 6 -2.32 -5.89 2.14
C PHE A 6 -3.36 -6.46 1.20
N GLY A 7 -3.16 -6.26 -0.10
CA GLY A 7 -4.10 -6.76 -1.09
C GLY A 7 -5.19 -5.76 -1.41
N LYS A 8 -4.97 -4.50 -1.05
CA LYS A 8 -5.94 -3.45 -1.31
C LYS A 8 -5.54 -2.61 -2.51
N SER A 9 -6.53 -2.05 -3.20
CA SER A 9 -6.27 -1.21 -4.37
C SER A 9 -5.91 0.22 -3.96
N CYS A 10 -4.65 0.57 -4.12
CA CYS A 10 -4.18 1.90 -3.77
C CYS A 10 -3.69 2.65 -5.00
N ASN A 11 -3.31 3.91 -4.81
CA ASN A 11 -2.81 4.73 -5.92
C ASN A 11 -1.32 5.00 -5.77
N PRO A 12 -0.58 4.91 -6.89
CA PRO A 12 0.87 5.14 -6.91
C PRO A 12 1.21 6.60 -6.69
N SER A 13 0.45 7.50 -7.30
CA SER A 13 0.69 8.93 -7.17
C SER A 13 0.51 9.38 -5.72
N ASN A 14 -0.25 8.59 -4.96
CA ASN A 14 -0.49 8.92 -3.55
C ASN A 14 -0.61 7.64 -2.72
N ASP A 15 0.51 6.93 -2.58
CA ASP A 15 0.54 5.70 -1.80
C ASP A 15 -0.09 5.91 -0.43
N GLN A 16 -1.17 5.18 -0.17
CA GLN A 16 -1.86 5.29 1.11
C GLN A 16 -2.23 3.91 1.65
N CYS A 17 -1.24 3.21 2.19
CA CYS A 17 -1.46 1.87 2.74
C CYS A 17 -1.20 1.85 4.25
N CYS A 18 -1.27 0.66 4.83
CA CYS A 18 -1.04 0.51 6.26
C CYS A 18 0.45 0.36 6.57
N LYS A 19 1.06 1.45 7.03
CA LYS A 19 2.48 1.44 7.36
C LYS A 19 2.77 0.51 8.52
N SER A 20 1.81 0.38 9.43
CA SER A 20 1.96 -0.49 10.59
C SER A 20 2.29 -1.91 10.17
N SER A 21 1.69 -2.36 9.06
CA SER A 21 1.92 -3.70 8.55
C SER A 21 2.99 -3.69 7.47
N SER A 22 3.80 -2.64 7.45
CA SER A 22 4.86 -2.51 6.48
C SER A 22 4.32 -2.65 5.06
N LEU A 23 3.39 -1.78 4.70
CA LEU A 23 2.78 -1.82 3.37
C LEU A 23 3.18 -0.59 2.56
N ALA A 24 3.01 -0.67 1.25
CA ALA A 24 3.34 0.44 0.36
C ALA A 24 2.71 0.26 -1.02
N CYS A 25 2.43 1.36 -1.69
CA CYS A 25 1.81 1.33 -3.00
C CYS A 25 2.88 1.43 -4.10
N SER A 26 3.06 0.35 -4.85
CA SER A 26 4.05 0.31 -5.92
C SER A 26 3.41 0.66 -7.26
N THR A 27 4.13 1.43 -8.07
CA THR A 27 3.64 1.85 -9.38
C THR A 27 3.76 0.72 -10.40
N LYS A 28 4.29 -0.42 -9.94
CA LYS A 28 4.47 -1.57 -10.81
C LYS A 28 3.26 -2.50 -10.73
N HIS A 29 2.85 -2.84 -9.51
CA HIS A 29 1.71 -3.72 -9.29
C HIS A 29 0.47 -2.91 -8.91
N LYS A 30 0.69 -1.70 -8.41
CA LYS A 30 -0.41 -0.83 -8.00
C LYS A 30 -1.24 -1.48 -6.91
N TRP A 31 -0.62 -1.74 -5.76
CA TRP A 31 -1.30 -2.35 -4.63
C TRP A 31 -0.40 -2.38 -3.40
N CYS A 32 -1.02 -2.47 -2.23
CA CYS A 32 -0.27 -2.51 -0.98
C CYS A 32 0.57 -3.78 -0.88
N LYS A 33 1.83 -3.67 -1.27
CA LYS A 33 2.74 -4.81 -1.23
C LYS A 33 3.65 -4.73 -0.02
N TYR A 34 3.93 -5.89 0.59
CA TYR A 34 4.79 -5.95 1.77
C TYR A 34 6.18 -5.38 1.45
N GLU A 35 6.60 -4.40 2.24
CA GLU A 35 7.91 -3.79 2.05
C GLU A 35 9.02 -4.63 2.68
N LEU A 36 9.78 -5.32 1.83
CA LEU A 36 10.87 -6.17 2.32
C LEU A 36 12.22 -5.60 1.89
N GLY A 1 -7.20 3.51 13.31
CA GLY A 1 -6.51 4.21 12.24
C GLY A 1 -7.25 4.09 10.91
N ALA A 2 -6.70 4.74 9.88
CA ALA A 2 -7.31 4.70 8.56
C ALA A 2 -6.26 4.50 7.48
N CYS A 3 -6.15 3.26 7.00
CA CYS A 3 -5.18 2.93 5.95
C CYS A 3 -5.68 1.75 5.12
N LEU A 4 -4.83 1.30 4.19
CA LEU A 4 -5.18 0.18 3.33
C LEU A 4 -4.30 -1.03 3.61
N GLY A 5 -4.93 -2.12 4.05
CA GLY A 5 -4.19 -3.33 4.35
C GLY A 5 -3.61 -3.98 3.11
N PHE A 6 -2.93 -5.11 3.29
CA PHE A 6 -2.32 -5.82 2.19
C PHE A 6 -3.38 -6.39 1.24
N GLY A 7 -3.20 -6.16 -0.05
CA GLY A 7 -4.16 -6.64 -1.03
C GLY A 7 -5.25 -5.64 -1.32
N LYS A 8 -5.02 -4.38 -0.96
CA LYS A 8 -5.99 -3.32 -1.19
C LYS A 8 -5.60 -2.49 -2.41
N SER A 9 -6.60 -1.91 -3.06
CA SER A 9 -6.36 -1.08 -4.24
C SER A 9 -5.98 0.34 -3.83
N CYS A 10 -4.71 0.68 -4.01
CA CYS A 10 -4.21 2.00 -3.66
C CYS A 10 -3.73 2.74 -4.91
N ASN A 11 -3.31 3.99 -4.73
CA ASN A 11 -2.83 4.81 -5.83
C ASN A 11 -1.33 5.07 -5.71
N PRO A 12 -0.62 4.96 -6.83
CA PRO A 12 0.83 5.19 -6.88
C PRO A 12 1.21 6.64 -6.65
N SER A 13 0.44 7.54 -7.26
CA SER A 13 0.69 8.98 -7.13
C SER A 13 0.52 9.43 -5.68
N ASN A 14 -0.24 8.65 -4.91
CA ASN A 14 -0.49 8.97 -3.51
C ASN A 14 -0.58 7.70 -2.67
N ASP A 15 0.53 6.99 -2.54
CA ASP A 15 0.57 5.77 -1.76
C ASP A 15 -0.05 5.98 -0.38
N GLN A 16 -1.12 5.25 -0.10
CA GLN A 16 -1.81 5.36 1.18
C GLN A 16 -2.18 3.98 1.72
N CYS A 17 -1.20 3.27 2.25
CA CYS A 17 -1.42 1.93 2.80
C CYS A 17 -1.15 1.90 4.30
N CYS A 18 -1.22 0.72 4.88
CA CYS A 18 -0.98 0.55 6.31
C CYS A 18 0.50 0.39 6.60
N LYS A 19 1.14 1.46 7.06
CA LYS A 19 2.56 1.45 7.37
C LYS A 19 2.85 0.50 8.55
N SER A 20 1.89 0.40 9.46
CA SER A 20 2.04 -0.47 10.63
C SER A 20 2.35 -1.90 10.20
N SER A 21 1.75 -2.32 9.10
CA SER A 21 1.95 -3.67 8.58
C SER A 21 3.02 -3.68 7.49
N SER A 22 3.84 -2.64 7.46
CA SER A 22 4.90 -2.53 6.48
C SER A 22 4.34 -2.68 5.07
N LEU A 23 3.43 -1.77 4.70
CA LEU A 23 2.82 -1.80 3.37
C LEU A 23 3.21 -0.57 2.56
N ALA A 24 3.03 -0.65 1.25
CA ALA A 24 3.35 0.46 0.36
C ALA A 24 2.70 0.28 -1.01
N CYS A 25 2.41 1.40 -1.66
CA CYS A 25 1.78 1.37 -2.99
C CYS A 25 2.83 1.46 -4.09
N SER A 26 3.00 0.37 -4.84
CA SER A 26 3.97 0.34 -5.92
C SER A 26 3.31 0.64 -7.26
N THR A 27 4.00 1.40 -8.10
CA THR A 27 3.48 1.77 -9.41
C THR A 27 3.61 0.61 -10.40
N LYS A 28 4.16 -0.50 -9.93
CA LYS A 28 4.34 -1.68 -10.78
C LYS A 28 3.11 -2.57 -10.71
N HIS A 29 2.66 -2.88 -9.50
CA HIS A 29 1.48 -3.72 -9.31
C HIS A 29 0.27 -2.89 -8.90
N LYS A 30 0.52 -1.68 -8.40
CA LYS A 30 -0.55 -0.79 -7.97
C LYS A 30 -1.36 -1.42 -6.86
N TRP A 31 -0.73 -1.68 -5.72
CA TRP A 31 -1.40 -2.29 -4.59
C TRP A 31 -0.48 -2.34 -3.36
N CYS A 32 -1.08 -2.40 -2.18
CA CYS A 32 -0.31 -2.46 -0.94
C CYS A 32 0.50 -3.74 -0.86
N LYS A 33 1.77 -3.67 -1.29
CA LYS A 33 2.65 -4.82 -1.25
C LYS A 33 3.60 -4.75 -0.06
N TYR A 34 3.89 -5.91 0.52
CA TYR A 34 4.77 -5.98 1.68
C TYR A 34 6.14 -5.42 1.34
N GLU A 35 6.60 -4.45 2.13
CA GLU A 35 7.90 -3.82 1.92
C GLU A 35 9.00 -4.63 2.59
N LEU A 36 9.80 -5.32 1.78
CA LEU A 36 10.90 -6.13 2.29
C LEU A 36 12.24 -5.54 1.88
N GLY A 1 -7.16 4.59 13.07
CA GLY A 1 -6.79 3.51 12.16
C GLY A 1 -7.44 3.64 10.80
N ALA A 2 -6.80 4.36 9.90
CA ALA A 2 -7.33 4.56 8.55
C ALA A 2 -6.24 4.37 7.50
N CYS A 3 -6.22 3.20 6.88
CA CYS A 3 -5.24 2.89 5.85
C CYS A 3 -5.69 1.72 4.99
N LEU A 4 -4.82 1.28 4.08
CA LEU A 4 -5.14 0.17 3.19
C LEU A 4 -4.26 -1.04 3.50
N GLY A 5 -4.88 -2.13 3.93
CA GLY A 5 -4.15 -3.33 4.26
C GLY A 5 -3.54 -3.98 3.03
N PHE A 6 -2.90 -5.12 3.23
CA PHE A 6 -2.25 -5.85 2.13
C PHE A 6 -3.30 -6.40 1.17
N GLY A 7 -3.06 -6.20 -0.13
CA GLY A 7 -3.99 -6.69 -1.13
C GLY A 7 -5.09 -5.69 -1.42
N LYS A 8 -4.87 -4.44 -1.03
CA LYS A 8 -5.85 -3.38 -1.26
C LYS A 8 -5.46 -2.52 -2.46
N SER A 9 -6.46 -1.98 -3.14
CA SER A 9 -6.22 -1.15 -4.31
C SER A 9 -5.85 0.27 -3.89
N CYS A 10 -4.57 0.62 -4.05
CA CYS A 10 -4.08 1.94 -3.70
C CYS A 10 -3.59 2.69 -4.93
N ASN A 11 -3.18 3.94 -4.73
CA ASN A 11 -2.68 4.76 -5.83
C ASN A 11 -1.17 4.98 -5.70
N PRO A 12 -0.47 4.87 -6.84
CA PRO A 12 0.99 5.05 -6.89
C PRO A 12 1.40 6.51 -6.64
N SER A 13 0.65 7.43 -7.23
CA SER A 13 0.94 8.85 -7.08
C SER A 13 0.72 9.30 -5.63
N ASN A 14 -0.13 8.58 -4.92
CA ASN A 14 -0.42 8.90 -3.52
C ASN A 14 -0.52 7.63 -2.69
N ASP A 15 0.61 6.94 -2.54
CA ASP A 15 0.65 5.71 -1.76
C ASP A 15 0.04 5.92 -0.37
N GLN A 16 -1.06 5.22 -0.12
CA GLN A 16 -1.75 5.33 1.16
C GLN A 16 -2.12 3.95 1.70
N CYS A 17 -1.14 3.24 2.24
CA CYS A 17 -1.37 1.91 2.79
C CYS A 17 -1.12 1.89 4.30
N CYS A 18 -1.18 0.71 4.89
CA CYS A 18 -0.97 0.55 6.32
C CYS A 18 0.52 0.42 6.64
N LYS A 19 1.11 1.49 7.14
CA LYS A 19 2.53 1.49 7.48
C LYS A 19 2.81 0.53 8.63
N SER A 20 1.84 0.41 9.54
CA SER A 20 1.98 -0.48 10.69
C SER A 20 2.31 -1.89 10.25
N SER A 21 1.72 -2.31 9.14
CA SER A 21 1.94 -3.66 8.61
C SER A 21 3.04 -3.64 7.55
N SER A 22 3.84 -2.58 7.55
CA SER A 22 4.93 -2.45 6.58
C SER A 22 4.40 -2.62 5.15
N LEU A 23 3.46 -1.77 4.78
CA LEU A 23 2.88 -1.81 3.43
C LEU A 23 3.27 -0.58 2.62
N ALA A 24 3.10 -0.67 1.31
CA ALA A 24 3.44 0.43 0.42
C ALA A 24 2.81 0.24 -0.96
N CYS A 25 2.52 1.35 -1.63
CA CYS A 25 1.91 1.31 -2.95
C CYS A 25 2.97 1.42 -4.04
N SER A 26 3.15 0.34 -4.81
CA SER A 26 4.13 0.32 -5.88
C SER A 26 3.48 0.63 -7.23
N THR A 27 4.18 1.40 -8.06
CA THR A 27 3.67 1.77 -9.37
C THR A 27 3.81 0.62 -10.36
N LYS A 28 4.35 -0.50 -9.89
CA LYS A 28 4.54 -1.67 -10.74
C LYS A 28 3.32 -2.58 -10.69
N HIS A 29 2.86 -2.88 -9.48
CA HIS A 29 1.68 -3.74 -9.31
C HIS A 29 0.47 -2.92 -8.90
N LYS A 30 0.72 -1.71 -8.41
CA LYS A 30 -0.36 -0.83 -7.99
C LYS A 30 -1.19 -1.45 -6.88
N TRP A 31 -0.55 -1.73 -5.74
CA TRP A 31 -1.23 -2.33 -4.60
C TRP A 31 -0.32 -2.35 -3.38
N CYS A 32 -0.94 -2.44 -2.21
CA CYS A 32 -0.19 -2.48 -0.95
C CYS A 32 0.67 -3.74 -0.86
N LYS A 33 1.93 -3.62 -1.27
CA LYS A 33 2.85 -4.74 -1.24
C LYS A 33 3.78 -4.65 -0.03
N TYR A 34 4.11 -5.80 0.55
CA TYR A 34 4.99 -5.85 1.71
C TYR A 34 6.34 -5.22 1.40
N GLU A 35 6.72 -4.23 2.19
CA GLU A 35 8.00 -3.55 1.99
C GLU A 35 9.15 -4.36 2.57
N LEU A 36 9.92 -4.98 1.69
CA LEU A 36 11.06 -5.80 2.11
C LEU A 36 11.91 -6.20 0.92
N GLY A 1 -6.97 2.89 12.97
CA GLY A 1 -6.66 4.02 12.12
C GLY A 1 -7.37 3.96 10.78
N ALA A 2 -6.82 4.66 9.79
CA ALA A 2 -7.41 4.67 8.45
C ALA A 2 -6.33 4.48 7.38
N CYS A 3 -6.24 3.26 6.87
CA CYS A 3 -5.26 2.95 5.84
C CYS A 3 -5.71 1.77 4.99
N LEU A 4 -4.85 1.34 4.08
CA LEU A 4 -5.16 0.21 3.20
C LEU A 4 -4.29 -1.00 3.52
N GLY A 5 -4.93 -2.10 3.89
CA GLY A 5 -4.19 -3.31 4.21
C GLY A 5 -3.58 -3.96 2.99
N PHE A 6 -2.92 -5.10 3.20
CA PHE A 6 -2.28 -5.82 2.11
C PHE A 6 -3.32 -6.39 1.15
N GLY A 7 -3.08 -6.20 -0.15
CA GLY A 7 -4.01 -6.70 -1.15
C GLY A 7 -5.12 -5.70 -1.47
N LYS A 8 -4.91 -4.45 -1.08
CA LYS A 8 -5.89 -3.40 -1.32
C LYS A 8 -5.50 -2.55 -2.53
N SER A 9 -6.48 -1.91 -3.14
CA SER A 9 -6.24 -1.06 -4.31
C SER A 9 -5.87 0.35 -3.89
N CYS A 10 -4.60 0.70 -4.05
CA CYS A 10 -4.11 2.03 -3.69
C CYS A 10 -3.61 2.78 -4.93
N ASN A 11 -3.22 4.02 -4.73
CA ASN A 11 -2.73 4.85 -5.83
C ASN A 11 -1.23 5.08 -5.71
N PRO A 12 -0.51 4.97 -6.84
CA PRO A 12 0.94 5.17 -6.89
C PRO A 12 1.34 6.61 -6.65
N SER A 13 0.59 7.54 -7.24
CA SER A 13 0.86 8.97 -7.09
C SER A 13 0.69 9.41 -5.64
N ASN A 14 -0.13 8.66 -4.90
CA ASN A 14 -0.39 8.98 -3.50
C ASN A 14 -0.50 7.71 -2.67
N ASP A 15 0.63 7.02 -2.52
CA ASP A 15 0.67 5.79 -1.73
C ASP A 15 0.03 5.98 -0.37
N GLN A 16 -1.07 5.29 -0.13
CA GLN A 16 -1.77 5.38 1.15
C GLN A 16 -2.15 4.01 1.67
N CYS A 17 -1.17 3.31 2.23
CA CYS A 17 -1.39 1.98 2.77
C CYS A 17 -1.16 1.95 4.28
N CYS A 18 -1.21 0.76 4.87
CA CYS A 18 -1.01 0.60 6.30
C CYS A 18 0.47 0.42 6.62
N LYS A 19 1.13 1.51 7.01
CA LYS A 19 2.54 1.48 7.35
C LYS A 19 2.80 0.52 8.53
N SER A 20 1.83 0.42 9.42
CA SER A 20 1.94 -0.46 10.58
C SER A 20 2.27 -1.87 10.16
N SER A 21 1.69 -2.30 9.04
CA SER A 21 1.92 -3.66 8.53
C SER A 21 3.00 -3.65 7.46
N SER A 22 3.82 -2.61 7.46
CA SER A 22 4.91 -2.47 6.48
C SER A 22 4.38 -2.62 5.06
N LEU A 23 3.42 -1.77 4.71
CA LEU A 23 2.83 -1.80 3.38
C LEU A 23 3.23 -0.56 2.57
N ALA A 24 3.06 -0.64 1.26
CA ALA A 24 3.41 0.47 0.37
C ALA A 24 2.77 0.29 -1.00
N CYS A 25 2.49 1.40 -1.67
CA CYS A 25 1.88 1.38 -2.99
C CYS A 25 2.95 1.47 -4.08
N SER A 26 3.10 0.41 -4.85
CA SER A 26 4.09 0.37 -5.93
C SER A 26 3.45 0.74 -7.26
N THR A 27 4.18 1.50 -8.07
CA THR A 27 3.69 1.93 -9.37
C THR A 27 3.80 0.80 -10.39
N LYS A 28 4.31 -0.35 -9.96
CA LYS A 28 4.48 -1.50 -10.82
C LYS A 28 3.26 -2.41 -10.75
N HIS A 29 2.86 -2.75 -9.54
CA HIS A 29 1.70 -3.62 -9.32
C HIS A 29 0.47 -2.80 -8.94
N LYS A 30 0.70 -1.59 -8.45
CA LYS A 30 -0.38 -0.71 -8.04
C LYS A 30 -1.21 -1.34 -6.93
N TRP A 31 -0.59 -1.59 -5.79
CA TRP A 31 -1.27 -2.19 -4.65
C TRP A 31 -0.37 -2.22 -3.42
N CYS A 32 -0.97 -2.38 -2.26
CA CYS A 32 -0.22 -2.43 -1.00
C CYS A 32 0.63 -3.68 -0.91
N LYS A 33 1.89 -3.56 -1.30
CA LYS A 33 2.82 -4.69 -1.26
C LYS A 33 3.74 -4.61 -0.05
N TYR A 34 4.04 -5.77 0.53
CA TYR A 34 4.92 -5.82 1.70
C TYR A 34 6.28 -5.21 1.39
N GLU A 35 6.67 -4.22 2.19
CA GLU A 35 7.96 -3.55 2.01
C GLU A 35 9.10 -4.42 2.54
N LEU A 36 9.85 -5.02 1.63
CA LEU A 36 10.97 -5.87 2.01
C LEU A 36 12.25 -5.43 1.30
N GLY A 1 -7.54 4.90 13.26
CA GLY A 1 -6.78 4.18 12.25
C GLY A 1 -7.49 4.11 10.91
N ALA A 2 -6.81 4.57 9.87
CA ALA A 2 -7.39 4.57 8.53
C ALA A 2 -6.31 4.39 7.47
N CYS A 3 -6.25 3.19 6.89
CA CYS A 3 -5.27 2.88 5.87
C CYS A 3 -5.73 1.71 4.99
N LEU A 4 -4.86 1.29 4.08
CA LEU A 4 -5.18 0.17 3.19
C LEU A 4 -4.29 -1.03 3.48
N GLY A 5 -4.92 -2.12 3.92
CA GLY A 5 -4.17 -3.33 4.23
C GLY A 5 -3.60 -3.99 2.99
N PHE A 6 -2.94 -5.12 3.18
CA PHE A 6 -2.34 -5.85 2.07
C PHE A 6 -3.41 -6.41 1.15
N GLY A 7 -3.21 -6.22 -0.16
CA GLY A 7 -4.17 -6.70 -1.13
C GLY A 7 -5.26 -5.69 -1.43
N LYS A 8 -5.02 -4.43 -1.07
CA LYS A 8 -5.98 -3.36 -1.30
C LYS A 8 -5.58 -2.51 -2.50
N SER A 9 -6.57 -1.91 -3.15
CA SER A 9 -6.32 -1.07 -4.32
C SER A 9 -5.95 0.35 -3.90
N CYS A 10 -4.67 0.69 -4.06
CA CYS A 10 -4.18 2.02 -3.70
C CYS A 10 -3.70 2.76 -4.94
N ASN A 11 -3.29 4.02 -4.73
CA ASN A 11 -2.80 4.85 -5.83
C ASN A 11 -1.29 5.05 -5.73
N PRO A 12 -0.60 4.95 -6.87
CA PRO A 12 0.85 5.12 -6.94
C PRO A 12 1.28 6.56 -6.69
N SER A 13 0.54 7.50 -7.26
CA SER A 13 0.83 8.92 -7.10
C SER A 13 0.63 9.36 -5.65
N ASN A 14 -0.22 8.63 -4.93
CA ASN A 14 -0.51 8.95 -3.54
C ASN A 14 -0.60 7.69 -2.70
N ASP A 15 0.54 7.01 -2.56
CA ASP A 15 0.59 5.77 -1.78
C ASP A 15 -0.03 5.98 -0.40
N GLN A 16 -1.12 5.26 -0.13
CA GLN A 16 -1.80 5.36 1.15
C GLN A 16 -2.18 3.98 1.68
N CYS A 17 -1.20 3.27 2.21
CA CYS A 17 -1.42 1.93 2.76
C CYS A 17 -1.17 1.91 4.26
N CYS A 18 -1.23 0.73 4.85
CA CYS A 18 -1.01 0.56 6.28
C CYS A 18 0.47 0.42 6.59
N LYS A 19 1.06 1.48 7.15
CA LYS A 19 2.47 1.48 7.49
C LYS A 19 2.76 0.51 8.63
N SER A 20 1.81 0.38 9.54
CA SER A 20 1.95 -0.52 10.68
C SER A 20 2.27 -1.94 10.21
N SER A 21 1.66 -2.34 9.10
CA SER A 21 1.87 -3.68 8.54
C SER A 21 2.95 -3.66 7.47
N SER A 22 3.76 -2.60 7.48
CA SER A 22 4.83 -2.46 6.50
C SER A 22 4.31 -2.62 5.08
N LEU A 23 3.40 -1.74 4.69
CA LEU A 23 2.81 -1.78 3.35
C LEU A 23 3.21 -0.56 2.54
N ALA A 24 3.03 -0.64 1.23
CA ALA A 24 3.36 0.46 0.34
C ALA A 24 2.71 0.29 -1.03
N CYS A 25 2.44 1.40 -1.70
CA CYS A 25 1.82 1.35 -3.02
C CYS A 25 2.88 1.47 -4.12
N SER A 26 3.02 0.40 -4.90
CA SER A 26 4.01 0.38 -5.98
C SER A 26 3.36 0.75 -7.30
N THR A 27 4.07 1.53 -8.12
CA THR A 27 3.56 1.95 -9.42
C THR A 27 3.67 0.83 -10.44
N LYS A 28 4.20 -0.31 -10.01
CA LYS A 28 4.35 -1.46 -10.90
C LYS A 28 3.14 -2.38 -10.81
N HIS A 29 2.76 -2.73 -9.59
CA HIS A 29 1.61 -3.61 -9.36
C HIS A 29 0.39 -2.79 -8.95
N LYS A 30 0.61 -1.59 -8.44
CA LYS A 30 -0.48 -0.72 -8.01
C LYS A 30 -1.31 -1.38 -6.91
N TRP A 31 -0.67 -1.65 -5.78
CA TRP A 31 -1.35 -2.28 -4.66
C TRP A 31 -0.45 -2.34 -3.43
N CYS A 32 -1.04 -2.41 -2.25
CA CYS A 32 -0.29 -2.48 -1.01
C CYS A 32 0.53 -3.76 -0.94
N LYS A 33 1.80 -3.66 -1.33
CA LYS A 33 2.70 -4.81 -1.31
C LYS A 33 3.63 -4.76 -0.11
N TYR A 34 3.94 -5.92 0.47
CA TYR A 34 4.83 -6.00 1.62
C TYR A 34 6.20 -5.41 1.29
N GLU A 35 6.62 -4.43 2.08
CA GLU A 35 7.91 -3.79 1.87
C GLU A 35 9.03 -4.57 2.57
N LEU A 36 9.84 -5.25 1.77
CA LEU A 36 10.94 -6.04 2.31
C LEU A 36 12.26 -5.67 1.62
#